data_5G10
#
_entry.id   5G10
#
_cell.length_a   81.740
_cell.length_b   81.740
_cell.length_c   205.210
_cell.angle_alpha   90.00
_cell.angle_beta   90.00
_cell.angle_gamma   90.00
#
_symmetry.space_group_name_H-M   'P 41 21 2'
#
loop_
_entity.id
_entity.type
_entity.pdbx_description
1 polymer HDAH
2 non-polymer 'ZINC ION'
3 non-polymer 'POTASSIUM ION'
4 non-polymer 9,9,9-tris(fluoranyl)-8,8-bis(oxidanyl)-~{N}-phenyl-nonanamide
5 water water
#
_entity_poly.entity_id   1
_entity_poly.type   'polypeptide(L)'
_entity_poly.pdbx_seq_one_letter_code
;TRRTAFFFDELCLWHAAGPHALTLPVGGWVQPPAAAGHAESPETKRRLKSLLDVSGLTARLQLRSAPPASDEDLLRVHPA
HYLERFKALSDAGGGSLGQDAPIGPGSYEIARLSAGLAIAALDAVLAGEADNAYSLSRPPGHHCLPDQAMGFCFFANIAV
AIEAAKARHGVERVAVLDWDVHHGNGTQAIYYRRDDVLSISLHQDGCFPPGYSGAEDIGEDRGRGFNLNVPLLPGGGHDA
YMQAMQRIVLPALERFRPQLIVVASGFDANAVDPLARMQLHSDSFRAMTAMVRDAAERHAGGRLVVVHEGGYSEAYVPFC
GLAVIEELSGVRSAVRDPLRDFIELQQPNAAFRDFQRQRLEELAAQFGLCPAQPLQAAR
;
_entity_poly.pdbx_strand_id   A,B
#
loop_
_chem_comp.id
_chem_comp.type
_chem_comp.name
_chem_comp.formula
6DK non-polymer 9,9,9-tris(fluoranyl)-8,8-bis(oxidanyl)-~{N}-phenyl-nonanamide 'C15 H20 F3 N O3'
K non-polymer 'POTASSIUM ION' 'K 1'
ZN non-polymer 'ZINC ION' 'Zn 2'
#
# COMPACT_ATOMS: atom_id res chain seq x y z
N THR A 1 13.89 23.57 -26.88
CA THR A 1 13.63 22.50 -25.86
C THR A 1 13.44 21.14 -26.53
N ARG A 2 13.39 20.08 -25.73
CA ARG A 2 13.50 18.70 -26.22
C ARG A 2 12.21 18.32 -26.94
N ARG A 3 12.31 17.39 -27.89
CA ARG A 3 11.17 16.88 -28.62
C ARG A 3 10.86 15.50 -28.03
N THR A 4 9.73 15.38 -27.34
CA THR A 4 9.31 14.15 -26.70
C THR A 4 8.10 13.55 -27.40
N ALA A 5 8.27 12.33 -27.92
CA ALA A 5 7.17 11.62 -28.53
C ALA A 5 6.40 10.85 -27.44
N PHE A 6 5.09 10.91 -27.51
CA PHE A 6 4.21 10.26 -26.56
C PHE A 6 3.41 9.22 -27.34
N PHE A 7 3.76 7.94 -27.16
CA PHE A 7 3.12 6.85 -27.88
C PHE A 7 1.97 6.33 -27.03
N PHE A 8 0.77 6.43 -27.61
CA PHE A 8 -0.46 6.12 -26.89
C PHE A 8 -1.48 5.59 -27.88
N ASP A 9 -2.28 4.62 -27.45
CA ASP A 9 -3.51 4.30 -28.18
C ASP A 9 -4.63 3.99 -27.22
N GLU A 10 -5.80 4.59 -27.45
CA GLU A 10 -6.97 4.45 -26.58
C GLU A 10 -7.31 2.97 -26.39
N LEU A 11 -7.14 2.18 -27.44
CA LEU A 11 -7.48 0.76 -27.35
C LEU A 11 -6.73 0.00 -26.27
N CYS A 12 -5.50 0.43 -25.94
CA CYS A 12 -4.77 -0.20 -24.83
C CYS A 12 -5.54 -0.11 -23.50
N LEU A 13 -6.35 0.93 -23.36
CA LEU A 13 -7.18 1.08 -22.17
C LEU A 13 -8.43 0.19 -22.15
N TRP A 14 -8.67 -0.57 -23.22
CA TRP A 14 -9.83 -1.47 -23.33
C TRP A 14 -9.51 -2.92 -22.92
N HIS A 15 -8.24 -3.23 -22.64
CA HIS A 15 -7.87 -4.56 -22.14
C HIS A 15 -8.45 -4.73 -20.74
N ALA A 16 -9.16 -5.82 -20.48
CA ALA A 16 -9.63 -6.08 -19.12
C ALA A 16 -9.82 -7.54 -18.80
N ALA A 17 -9.30 -7.96 -17.66
CA ALA A 17 -9.42 -9.34 -17.19
C ALA A 17 -10.80 -9.59 -16.58
N GLY A 18 -11.07 -10.85 -16.27
CA GLY A 18 -12.29 -11.22 -15.52
C GLY A 18 -12.24 -10.70 -14.09
N PRO A 19 -13.31 -10.96 -13.31
CA PRO A 19 -13.39 -10.34 -12.00
C PRO A 19 -12.26 -10.76 -11.07
N HIS A 20 -11.61 -9.75 -10.48
CA HIS A 20 -10.58 -9.94 -9.46
C HIS A 20 -10.83 -8.93 -8.37
N ALA A 21 -10.47 -9.29 -7.14
CA ALA A 21 -10.39 -8.35 -6.02
C ALA A 21 -8.89 -8.05 -5.84
N LEU A 22 -8.44 -6.87 -6.26
CA LEU A 22 -7.01 -6.53 -6.34
C LEU A 22 -6.31 -7.53 -7.28
N THR A 23 -5.51 -8.46 -6.75
CA THR A 23 -4.83 -9.48 -7.56
C THR A 23 -5.46 -10.87 -7.40
N LEU A 24 -6.49 -10.98 -6.56
CA LEU A 24 -7.09 -12.27 -6.24
C LEU A 24 -8.22 -12.58 -7.23
N PRO A 25 -8.15 -13.73 -7.90
CA PRO A 25 -9.27 -14.10 -8.77
C PRO A 25 -10.52 -14.28 -7.92
N VAL A 26 -11.64 -13.76 -8.39
CA VAL A 26 -12.91 -13.95 -7.74
C VAL A 26 -13.30 -15.42 -7.81
N GLY A 27 -13.91 -15.92 -6.75
CA GLY A 27 -14.14 -17.34 -6.57
C GLY A 27 -13.68 -17.79 -5.20
N GLY A 28 -14.19 -18.95 -4.78
CA GLY A 28 -13.94 -19.46 -3.43
C GLY A 28 -14.32 -18.40 -2.40
N TRP A 29 -13.36 -18.00 -1.58
CA TRP A 29 -13.61 -17.07 -0.49
C TRP A 29 -13.49 -15.59 -0.86
N VAL A 30 -13.15 -15.32 -2.12
CA VAL A 30 -12.96 -13.97 -2.62
C VAL A 30 -14.24 -13.48 -3.29
N GLN A 31 -14.91 -12.56 -2.62
CA GLN A 31 -16.18 -12.01 -3.06
C GLN A 31 -15.93 -11.09 -4.28
N PRO A 32 -16.84 -11.11 -5.26
CA PRO A 32 -16.65 -10.18 -6.37
C PRO A 32 -16.71 -8.73 -5.88
N PRO A 33 -15.84 -7.85 -6.41
CA PRO A 33 -15.96 -6.46 -5.98
C PRO A 33 -17.22 -5.79 -6.47
N ALA A 34 -17.72 -4.82 -5.71
CA ALA A 34 -18.93 -4.11 -6.08
C ALA A 34 -18.65 -3.17 -7.23
N ALA A 35 -17.40 -2.72 -7.33
CA ALA A 35 -16.96 -1.80 -8.35
C ALA A 35 -15.59 -2.20 -8.91
N ALA A 36 -14.56 -2.09 -8.05
CA ALA A 36 -13.11 -2.23 -8.38
C ALA A 36 -12.70 -3.09 -9.58
N GLY A 37 -12.44 -4.37 -9.33
CA GLY A 37 -11.88 -5.27 -10.31
C GLY A 37 -10.38 -5.41 -10.11
N HIS A 38 -9.72 -5.89 -11.16
CA HIS A 38 -8.32 -6.26 -11.11
C HIS A 38 -7.45 -5.03 -10.93
N ALA A 39 -6.39 -5.18 -10.14
CA ALA A 39 -5.44 -4.08 -9.86
C ALA A 39 -4.87 -3.44 -11.12
N GLU A 40 -4.46 -4.26 -12.09
CA GLU A 40 -4.04 -3.78 -13.45
C GLU A 40 -5.25 -3.29 -14.27
N SER A 41 -5.84 -2.19 -13.82
CA SER A 41 -7.08 -1.71 -14.38
C SER A 41 -6.71 -0.66 -15.42
N PRO A 42 -7.64 -0.36 -16.32
CA PRO A 42 -7.42 0.74 -17.23
C PRO A 42 -7.23 2.09 -16.54
N GLU A 43 -7.88 2.26 -15.38
CA GLU A 43 -8.01 3.57 -14.75
C GLU A 43 -6.71 4.23 -14.38
N THR A 44 -5.70 3.50 -13.92
CA THR A 44 -4.48 4.21 -13.61
C THR A 44 -3.90 4.88 -14.88
N LYS A 45 -3.83 4.08 -15.95
CA LYS A 45 -3.23 4.58 -17.16
C LYS A 45 -4.14 5.65 -17.76
N ARG A 46 -5.46 5.45 -17.70
CA ARG A 46 -6.36 6.48 -18.24
C ARG A 46 -6.22 7.82 -17.50
N ARG A 47 -6.14 7.76 -16.18
CA ARG A 47 -6.03 8.99 -15.38
C ARG A 47 -4.70 9.74 -15.64
N LEU A 48 -3.64 9.01 -15.97
CA LEU A 48 -2.42 9.68 -16.42
C LEU A 48 -2.65 10.45 -17.72
N LYS A 49 -3.24 9.78 -18.72
CA LYS A 49 -3.58 10.44 -19.98
C LYS A 49 -4.49 11.66 -19.75
N SER A 50 -5.48 11.54 -18.88
CA SER A 50 -6.40 12.64 -18.60
C SER A 50 -5.68 13.82 -17.97
N LEU A 51 -4.78 13.54 -17.05
CA LEU A 51 -4.04 14.62 -16.40
C LEU A 51 -3.08 15.29 -17.38
N LEU A 52 -2.43 14.50 -18.25
CA LEU A 52 -1.61 15.09 -19.32
C LEU A 52 -2.41 16.04 -20.20
N ASP A 53 -3.63 15.65 -20.55
CA ASP A 53 -4.55 16.50 -21.32
C ASP A 53 -4.98 17.77 -20.56
N VAL A 54 -5.44 17.63 -19.32
CA VAL A 54 -5.94 18.81 -18.55
C VAL A 54 -4.82 19.79 -18.16
N SER A 55 -3.63 19.26 -17.95
CA SER A 55 -2.46 20.08 -17.67
C SER A 55 -1.98 20.89 -18.89
N GLY A 56 -2.41 20.53 -20.10
CA GLY A 56 -1.90 21.13 -21.32
C GLY A 56 -0.60 20.50 -21.82
N LEU A 57 -0.04 19.54 -21.09
CA LEU A 57 1.24 18.95 -21.50
C LEU A 57 1.15 18.22 -22.82
N THR A 58 0.02 17.57 -23.08
CA THR A 58 -0.16 16.79 -24.28
C THR A 58 0.07 17.67 -25.52
N ALA A 59 -0.33 18.93 -25.45
CA ALA A 59 -0.14 19.89 -26.55
C ALA A 59 1.33 20.22 -26.85
N ARG A 60 2.22 19.98 -25.88
CA ARG A 60 3.66 20.19 -26.06
C ARG A 60 4.44 18.92 -26.43
N LEU A 61 3.76 17.78 -26.56
CA LEU A 61 4.37 16.52 -26.97
C LEU A 61 4.05 16.21 -28.43
N GLN A 62 4.85 15.31 -28.99
CA GLN A 62 4.61 14.76 -30.31
C GLN A 62 3.74 13.49 -30.14
N LEU A 63 2.44 13.63 -30.32
CA LEU A 63 1.51 12.51 -30.11
C LEU A 63 1.62 11.52 -31.26
N ARG A 64 1.81 10.25 -30.93
CA ARG A 64 1.98 9.19 -31.92
C ARG A 64 1.21 7.93 -31.53
N SER A 65 0.69 7.20 -32.52
CA SER A 65 0.32 5.79 -32.30
C SER A 65 1.26 4.93 -33.11
N ALA A 66 0.92 3.65 -33.26
CA ALA A 66 1.73 2.74 -33.99
C ALA A 66 0.93 1.53 -34.42
N PRO A 67 1.37 0.85 -35.48
CA PRO A 67 0.74 -0.43 -35.80
C PRO A 67 1.01 -1.48 -34.73
N PRO A 68 0.10 -2.48 -34.63
CA PRO A 68 0.38 -3.55 -33.67
C PRO A 68 1.65 -4.30 -34.07
N ALA A 69 2.29 -4.93 -33.10
CA ALA A 69 3.47 -5.73 -33.37
C ALA A 69 3.12 -6.83 -34.37
N SER A 70 3.97 -7.00 -35.38
CA SER A 70 3.81 -8.05 -36.36
C SER A 70 4.18 -9.40 -35.73
N ASP A 71 3.72 -10.50 -36.33
CA ASP A 71 4.17 -11.83 -35.91
C ASP A 71 5.69 -11.92 -35.94
N GLU A 72 6.31 -11.33 -36.97
CA GLU A 72 7.76 -11.35 -37.10
C GLU A 72 8.44 -10.75 -35.89
N ASP A 73 7.98 -9.58 -35.46
CA ASP A 73 8.54 -8.94 -34.27
C ASP A 73 8.33 -9.78 -33.01
N LEU A 74 7.11 -10.29 -32.85
CA LEU A 74 6.79 -11.10 -31.68
C LEU A 74 7.62 -12.38 -31.63
N LEU A 75 7.81 -13.01 -32.79
CA LEU A 75 8.50 -14.30 -32.89
C LEU A 75 10.00 -14.25 -32.61
N ARG A 76 10.60 -13.05 -32.64
CA ARG A 76 11.99 -12.90 -32.14
C ARG A 76 12.13 -13.29 -30.67
N VAL A 77 11.05 -13.18 -29.90
CA VAL A 77 11.05 -13.56 -28.48
C VAL A 77 10.17 -14.76 -28.16
N HIS A 78 8.96 -14.81 -28.72
CA HIS A 78 7.93 -15.77 -28.34
C HIS A 78 7.71 -16.81 -29.41
N PRO A 79 7.44 -18.07 -29.01
CA PRO A 79 7.16 -19.10 -30.00
C PRO A 79 5.78 -19.00 -30.64
N ALA A 80 5.63 -19.54 -31.84
CA ALA A 80 4.35 -19.55 -32.54
C ALA A 80 3.23 -20.19 -31.69
N HIS A 81 3.54 -21.27 -30.98
CA HIS A 81 2.53 -21.95 -30.16
C HIS A 81 2.04 -21.10 -28.98
N TYR A 82 2.90 -20.21 -28.49
CA TYR A 82 2.52 -19.27 -27.43
C TYR A 82 1.51 -18.28 -27.97
N LEU A 83 1.81 -17.72 -29.14
CA LEU A 83 0.88 -16.84 -29.84
C LEU A 83 -0.46 -17.53 -30.06
N GLU A 84 -0.44 -18.78 -30.53
CA GLU A 84 -1.66 -19.55 -30.82
C GLU A 84 -2.51 -19.79 -29.55
N ARG A 85 -1.85 -20.19 -28.48
CA ARG A 85 -2.55 -20.46 -27.22
C ARG A 85 -3.18 -19.18 -26.68
N PHE A 86 -2.43 -18.09 -26.78
CA PHE A 86 -2.86 -16.80 -26.26
C PHE A 86 -4.09 -16.36 -27.08
N LYS A 87 -3.96 -16.39 -28.40
CA LYS A 87 -5.09 -16.02 -29.23
C LYS A 87 -6.35 -16.87 -29.02
N ALA A 88 -6.18 -18.18 -28.89
CA ALA A 88 -7.30 -19.08 -28.64
C ALA A 88 -8.05 -18.71 -27.37
N LEU A 89 -7.30 -18.45 -26.30
CA LEU A 89 -7.91 -18.12 -25.02
C LEU A 89 -8.61 -16.75 -25.06
N SER A 90 -7.97 -15.81 -25.74
CA SER A 90 -8.55 -14.48 -25.99
C SER A 90 -9.87 -14.55 -26.79
N ASP A 91 -9.88 -15.36 -27.84
CA ASP A 91 -11.10 -15.54 -28.66
C ASP A 91 -12.22 -16.24 -27.91
N ALA A 92 -11.86 -17.09 -26.95
CA ALA A 92 -12.83 -17.80 -26.11
C ALA A 92 -13.30 -17.01 -24.89
N GLY A 93 -13.10 -15.70 -24.86
CA GLY A 93 -13.60 -14.83 -23.81
C GLY A 93 -12.64 -14.52 -22.69
N GLY A 94 -11.41 -15.03 -22.78
CA GLY A 94 -10.37 -14.76 -21.80
C GLY A 94 -10.25 -15.88 -20.78
N GLY A 95 -9.50 -15.60 -19.71
CA GLY A 95 -9.21 -16.59 -18.65
C GLY A 95 -7.76 -16.45 -18.22
N SER A 96 -7.17 -17.56 -17.81
CA SER A 96 -5.84 -17.55 -17.19
C SER A 96 -4.76 -18.01 -18.16
N LEU A 97 -3.90 -17.08 -18.59
CA LEU A 97 -2.82 -17.38 -19.54
C LEU A 97 -1.58 -17.84 -18.80
N GLY A 98 -1.42 -17.35 -17.58
CA GLY A 98 -0.39 -17.86 -16.69
C GLY A 98 -0.76 -17.65 -15.24
N GLN A 99 0.21 -17.99 -14.40
CA GLN A 99 0.31 -17.57 -13.01
C GLN A 99 0.28 -16.07 -12.89
N ASP A 100 -0.81 -15.54 -12.32
CA ASP A 100 -0.98 -14.10 -12.12
C ASP A 100 -0.99 -13.38 -13.46
N ALA A 101 -1.54 -14.03 -14.49
CA ALA A 101 -1.60 -13.47 -15.83
C ALA A 101 -2.98 -13.73 -16.45
N PRO A 102 -4.01 -13.04 -15.94
CA PRO A 102 -5.38 -13.22 -16.47
C PRO A 102 -5.63 -12.32 -17.67
N ILE A 103 -6.37 -12.84 -18.65
CA ILE A 103 -6.73 -12.08 -19.83
C ILE A 103 -8.22 -12.04 -20.07
N GLY A 104 -8.63 -11.08 -20.88
CA GLY A 104 -10.01 -10.89 -21.21
C GLY A 104 -10.26 -11.10 -22.68
N PRO A 105 -11.52 -10.89 -23.11
CA PRO A 105 -11.89 -11.05 -24.51
C PRO A 105 -11.17 -10.01 -25.37
N GLY A 106 -10.49 -10.47 -26.41
CA GLY A 106 -9.70 -9.59 -27.27
C GLY A 106 -8.37 -9.08 -26.75
N SER A 107 -7.96 -9.56 -25.56
CA SER A 107 -6.67 -9.15 -24.98
C SER A 107 -5.47 -9.42 -25.89
N TYR A 108 -5.58 -10.43 -26.74
CA TYR A 108 -4.51 -10.78 -27.66
C TYR A 108 -4.17 -9.62 -28.58
N GLU A 109 -5.17 -9.08 -29.26
CA GLU A 109 -4.96 -7.94 -30.16
C GLU A 109 -4.45 -6.71 -29.40
N ILE A 110 -4.96 -6.49 -28.19
CA ILE A 110 -4.57 -5.32 -27.43
C ILE A 110 -3.12 -5.47 -26.95
N ALA A 111 -2.70 -6.67 -26.55
CA ALA A 111 -1.32 -6.94 -26.19
C ALA A 111 -0.39 -6.69 -27.38
N ARG A 112 -0.84 -7.03 -28.58
CA ARG A 112 -0.01 -6.78 -29.79
C ARG A 112 0.16 -5.31 -30.01
N LEU A 113 -0.88 -4.54 -29.70
CA LEU A 113 -0.78 -3.08 -29.86
C LEU A 113 0.16 -2.48 -28.81
N SER A 114 0.08 -2.97 -27.58
CA SER A 114 0.99 -2.52 -26.52
C SER A 114 2.46 -2.73 -26.91
N ALA A 115 2.77 -3.92 -27.40
CA ALA A 115 4.09 -4.24 -27.90
C ALA A 115 4.49 -3.34 -29.07
N GLY A 116 3.55 -3.15 -29.99
CA GLY A 116 3.74 -2.23 -31.12
C GLY A 116 4.15 -0.82 -30.72
N LEU A 117 3.53 -0.29 -29.66
CA LEU A 117 3.90 1.03 -29.18
C LEU A 117 5.35 1.10 -28.70
N ALA A 118 5.79 0.09 -27.96
CA ALA A 118 7.17 0.01 -27.51
C ALA A 118 8.16 -0.10 -28.68
N ILE A 119 7.86 -0.98 -29.64
CA ILE A 119 8.68 -1.08 -30.84
C ILE A 119 8.84 0.29 -31.53
N ALA A 120 7.71 0.96 -31.72
CA ALA A 120 7.69 2.22 -32.46
C ALA A 120 8.41 3.34 -31.73
N ALA A 121 8.32 3.33 -30.39
CA ALA A 121 8.99 4.36 -29.57
C ALA A 121 10.51 4.25 -29.70
N LEU A 122 11.05 3.06 -29.58
CA LEU A 122 12.49 2.85 -29.82
C LEU A 122 12.90 3.26 -31.22
N ASP A 123 12.10 2.84 -32.20
CA ASP A 123 12.38 3.17 -33.59
C ASP A 123 12.45 4.69 -33.82
N ALA A 124 11.49 5.42 -33.25
CA ALA A 124 11.41 6.90 -33.43
C ALA A 124 12.64 7.60 -32.86
N VAL A 125 13.08 7.15 -31.70
CA VAL A 125 14.24 7.75 -31.05
C VAL A 125 15.54 7.41 -31.80
N LEU A 126 15.69 6.15 -32.22
CA LEU A 126 16.85 5.75 -33.01
C LEU A 126 16.87 6.39 -34.41
N ALA A 127 15.69 6.67 -34.96
CA ALA A 127 15.55 7.34 -36.27
C ALA A 127 15.71 8.86 -36.20
N GLY A 128 15.73 9.43 -35.00
CA GLY A 128 15.93 10.86 -34.84
C GLY A 128 14.66 11.67 -35.02
N GLU A 129 13.51 11.00 -34.95
CA GLU A 129 12.21 11.65 -35.07
C GLU A 129 11.86 12.41 -33.78
N ALA A 130 12.43 11.98 -32.66
CA ALA A 130 12.28 12.65 -31.38
C ALA A 130 13.55 12.47 -30.56
N ASP A 131 13.76 13.35 -29.61
CA ASP A 131 14.94 13.24 -28.74
C ASP A 131 14.74 12.09 -27.74
N ASN A 132 13.51 11.94 -27.28
CA ASN A 132 13.17 10.89 -26.35
C ASN A 132 11.69 10.55 -26.48
N ALA A 133 11.25 9.52 -25.78
CA ALA A 133 9.87 9.05 -25.96
C ALA A 133 9.34 8.40 -24.72
N TYR A 134 8.02 8.45 -24.57
CA TYR A 134 7.29 7.77 -23.52
C TYR A 134 6.24 6.92 -24.21
N SER A 135 6.17 5.65 -23.84
CA SER A 135 5.22 4.73 -24.43
C SER A 135 4.27 4.27 -23.36
N LEU A 136 2.98 4.59 -23.51
CA LEU A 136 1.97 4.14 -22.55
C LEU A 136 1.52 2.72 -22.94
N SER A 137 2.47 1.77 -22.80
CA SER A 137 2.25 0.36 -23.18
C SER A 137 1.46 -0.40 -22.10
N ARG A 138 0.14 -0.53 -22.28
CA ARG A 138 -0.70 -1.46 -21.50
C ARG A 138 -1.33 -2.55 -22.43
N PRO A 139 -1.25 -3.86 -22.09
CA PRO A 139 -0.66 -4.42 -20.87
C PRO A 139 0.86 -4.34 -20.79
N PRO A 140 1.40 -4.43 -19.57
CA PRO A 140 2.84 -4.34 -19.33
C PRO A 140 3.62 -5.57 -19.81
N GLY A 141 4.94 -5.50 -19.70
CA GLY A 141 5.83 -6.47 -20.30
C GLY A 141 6.94 -7.11 -19.48
N HIS A 142 7.43 -6.45 -18.44
CA HIS A 142 8.77 -6.78 -17.91
C HIS A 142 8.90 -8.10 -17.13
N HIS A 143 7.78 -8.75 -16.81
CA HIS A 143 7.83 -10.08 -16.21
C HIS A 143 7.67 -11.21 -17.20
N CYS A 144 7.22 -10.91 -18.42
CA CYS A 144 6.88 -11.93 -19.37
C CYS A 144 8.13 -12.69 -19.82
N LEU A 145 8.06 -14.01 -19.76
CA LEU A 145 9.12 -14.86 -20.34
C LEU A 145 8.74 -15.28 -21.76
N PRO A 146 9.73 -15.74 -22.57
CA PRO A 146 9.43 -16.16 -23.94
C PRO A 146 8.21 -17.07 -24.09
N ASP A 147 8.06 -18.08 -23.23
CA ASP A 147 6.94 -19.00 -23.31
C ASP A 147 6.08 -19.07 -22.03
N GLN A 148 6.06 -17.98 -21.27
CA GLN A 148 5.30 -17.98 -20.01
C GLN A 148 4.86 -16.58 -19.66
N ALA A 149 3.55 -16.32 -19.74
CA ALA A 149 2.99 -15.07 -19.25
C ALA A 149 3.14 -15.08 -17.74
N MET A 150 3.44 -13.91 -17.16
CA MET A 150 3.40 -13.78 -15.69
C MET A 150 3.29 -12.34 -15.24
N GLY A 151 2.82 -12.15 -14.00
CA GLY A 151 2.70 -10.82 -13.41
C GLY A 151 2.02 -9.80 -14.30
N PHE A 152 0.88 -10.20 -14.86
CA PHE A 152 0.03 -9.32 -15.70
C PHE A 152 0.63 -8.98 -17.06
N CYS A 153 1.74 -9.63 -17.45
CA CYS A 153 2.46 -9.37 -18.68
C CYS A 153 2.31 -10.57 -19.62
N PHE A 154 1.98 -10.29 -20.89
CA PHE A 154 1.67 -11.31 -21.88
C PHE A 154 2.62 -11.35 -23.08
N PHE A 155 3.22 -10.22 -23.42
CA PHE A 155 4.40 -10.18 -24.29
C PHE A 155 5.54 -9.42 -23.60
N ALA A 156 6.77 -9.76 -23.93
CA ALA A 156 7.97 -9.12 -23.37
C ALA A 156 8.23 -7.82 -24.11
N ASN A 157 7.40 -6.82 -23.87
CA ASN A 157 7.36 -5.60 -24.69
C ASN A 157 8.73 -4.99 -24.96
N ILE A 158 9.50 -4.77 -23.92
CA ILE A 158 10.81 -4.12 -24.06
C ILE A 158 11.76 -5.00 -24.86
N ALA A 159 11.79 -6.30 -24.54
CA ALA A 159 12.65 -7.23 -25.28
C ALA A 159 12.25 -7.31 -26.77
N VAL A 160 10.96 -7.40 -27.04
CA VAL A 160 10.48 -7.38 -28.44
C VAL A 160 10.95 -6.11 -29.13
N ALA A 161 10.83 -4.98 -28.44
CA ALA A 161 11.22 -3.69 -29.02
C ALA A 161 12.71 -3.62 -29.29
N ILE A 162 13.51 -4.15 -28.38
CA ILE A 162 14.96 -4.16 -28.52
C ILE A 162 15.40 -5.05 -29.67
N GLU A 163 14.84 -6.26 -29.75
CA GLU A 163 15.23 -7.17 -30.82
C GLU A 163 14.82 -6.60 -32.19
N ALA A 164 13.68 -5.91 -32.23
CA ALA A 164 13.25 -5.22 -33.47
C ALA A 164 14.20 -4.09 -33.83
N ALA A 165 14.64 -3.34 -32.82
CA ALA A 165 15.57 -2.21 -33.04
C ALA A 165 16.93 -2.69 -33.52
N LYS A 166 17.39 -3.82 -32.97
CA LYS A 166 18.67 -4.40 -33.42
C LYS A 166 18.58 -4.86 -34.87
N ALA A 167 17.45 -5.46 -35.24
CA ALA A 167 17.27 -5.90 -36.64
C ALA A 167 17.20 -4.73 -37.62
N ARG A 168 16.52 -3.64 -37.24
CA ARG A 168 16.27 -2.51 -38.14
C ARG A 168 17.42 -1.51 -38.14
N HIS A 169 17.97 -1.19 -36.97
CA HIS A 169 18.96 -0.12 -36.82
C HIS A 169 20.38 -0.56 -36.45
N GLY A 170 20.56 -1.77 -35.94
CA GLY A 170 21.91 -2.27 -35.62
C GLY A 170 22.59 -1.61 -34.41
N VAL A 171 21.79 -1.17 -33.45
CA VAL A 171 22.28 -0.65 -32.17
C VAL A 171 23.03 -1.77 -31.42
N GLU A 172 24.20 -1.45 -30.86
CA GLU A 172 25.12 -2.45 -30.27
C GLU A 172 25.05 -2.54 -28.75
N ARG A 173 24.74 -1.42 -28.09
CA ARG A 173 24.71 -1.39 -26.62
C ARG A 173 23.45 -0.67 -26.15
N VAL A 174 22.54 -1.42 -25.53
CA VAL A 174 21.32 -0.88 -24.95
C VAL A 174 21.34 -1.14 -23.45
N ALA A 175 21.04 -0.12 -22.65
CA ALA A 175 20.80 -0.30 -21.22
C ALA A 175 19.32 -0.26 -20.89
N VAL A 176 18.86 -1.19 -20.07
CA VAL A 176 17.48 -1.21 -19.62
C VAL A 176 17.48 -0.98 -18.11
N LEU A 177 16.99 0.17 -17.67
CA LEU A 177 16.86 0.47 -16.25
C LEU A 177 15.40 0.25 -15.86
N ASP A 178 15.18 -0.67 -14.93
CA ASP A 178 13.82 -1.06 -14.54
C ASP A 178 13.57 -0.58 -13.10
N TRP A 179 12.85 0.54 -12.99
CA TRP A 179 12.47 1.11 -11.69
C TRP A 179 11.02 0.83 -11.26
N ASP A 180 10.29 0.02 -12.04
CA ASP A 180 9.11 -0.64 -11.52
C ASP A 180 9.55 -1.29 -10.22
N VAL A 181 8.68 -1.30 -9.22
CA VAL A 181 9.10 -1.73 -7.88
C VAL A 181 9.34 -3.23 -7.77
N HIS A 182 8.88 -3.99 -8.77
CA HIS A 182 9.02 -5.42 -8.82
C HIS A 182 10.19 -5.79 -9.73
N HIS A 183 10.69 -7.00 -9.53
CA HIS A 183 11.88 -7.44 -10.26
C HIS A 183 11.57 -7.62 -11.73
N GLY A 184 12.42 -7.07 -12.61
CA GLY A 184 12.28 -7.25 -14.05
C GLY A 184 12.82 -8.59 -14.50
N ASN A 185 12.14 -9.67 -14.11
CA ASN A 185 12.65 -11.03 -14.33
C ASN A 185 12.66 -11.44 -15.82
N GLY A 186 11.73 -10.89 -16.60
CA GLY A 186 11.66 -11.20 -18.01
C GLY A 186 12.85 -10.67 -18.77
N THR A 187 13.11 -9.38 -18.60
CA THR A 187 14.25 -8.76 -19.20
C THR A 187 15.54 -9.43 -18.73
N GLN A 188 15.62 -9.72 -17.43
CA GLN A 188 16.81 -10.36 -16.87
C GLN A 188 17.10 -11.70 -17.55
N ALA A 189 16.07 -12.55 -17.65
CA ALA A 189 16.22 -13.88 -18.22
C ALA A 189 16.63 -13.82 -19.68
N ILE A 190 15.97 -12.98 -20.46
CA ILE A 190 16.23 -12.95 -21.91
C ILE A 190 17.67 -12.51 -22.21
N TYR A 191 18.18 -11.54 -21.46
CA TYR A 191 19.48 -10.97 -21.72
C TYR A 191 20.58 -11.47 -20.76
N TYR A 192 20.29 -12.55 -20.03
CA TYR A 192 21.17 -12.97 -18.92
C TYR A 192 22.61 -13.33 -19.35
N ARG A 193 22.76 -13.88 -20.55
CA ARG A 193 24.08 -14.23 -21.07
C ARG A 193 24.57 -13.29 -22.15
N ARG A 194 23.96 -12.11 -22.22
CA ARG A 194 24.29 -11.13 -23.25
C ARG A 194 24.96 -9.89 -22.66
N ASP A 195 25.99 -9.44 -23.38
CA ASP A 195 26.70 -8.21 -23.06
C ASP A 195 26.30 -7.02 -23.94
N ASP A 196 25.37 -7.21 -24.85
CA ASP A 196 24.88 -6.09 -25.65
C ASP A 196 23.71 -5.35 -24.99
N VAL A 197 23.14 -5.95 -23.95
CA VAL A 197 22.09 -5.34 -23.15
C VAL A 197 22.45 -5.44 -21.67
N LEU A 198 22.58 -4.27 -21.04
CA LEU A 198 22.80 -4.17 -19.61
C LEU A 198 21.44 -4.03 -18.99
N SER A 199 21.06 -4.99 -18.16
CA SER A 199 19.77 -4.94 -17.49
C SER A 199 20.02 -4.62 -16.02
N ILE A 200 19.38 -3.56 -15.53
CA ILE A 200 19.48 -3.16 -14.14
C ILE A 200 18.06 -3.13 -13.59
N SER A 201 17.84 -3.80 -12.46
CA SER A 201 16.55 -3.70 -11.76
C SER A 201 16.71 -3.15 -10.35
N LEU A 202 16.03 -2.03 -10.09
CA LEU A 202 15.79 -1.58 -8.73
C LEU A 202 14.45 -2.19 -8.34
N HIS A 203 14.41 -2.89 -7.22
CA HIS A 203 13.16 -3.45 -6.75
C HIS A 203 13.13 -3.62 -5.26
N GLN A 204 11.92 -3.66 -4.73
CA GLN A 204 11.75 -4.04 -3.33
C GLN A 204 12.18 -5.50 -3.14
N ASP A 205 13.12 -5.71 -2.23
CA ASP A 205 13.63 -7.02 -1.90
C ASP A 205 12.49 -7.98 -1.59
N GLY A 206 12.36 -9.02 -2.39
CA GLY A 206 11.38 -10.10 -2.13
C GLY A 206 9.92 -9.83 -2.47
N CYS A 207 9.62 -8.73 -3.16
CA CYS A 207 8.22 -8.36 -3.42
C CYS A 207 7.56 -9.24 -4.50
N PHE A 208 8.02 -9.12 -5.75
CA PHE A 208 7.56 -9.97 -6.84
C PHE A 208 8.66 -10.09 -7.89
N PRO A 209 9.08 -11.31 -8.25
CA PRO A 209 8.56 -12.56 -7.73
C PRO A 209 8.83 -12.71 -6.22
N PRO A 210 7.90 -13.33 -5.51
CA PRO A 210 7.98 -13.29 -4.05
C PRO A 210 9.22 -13.99 -3.50
N GLY A 211 9.90 -13.33 -2.59
CA GLY A 211 11.14 -13.89 -2.02
C GLY A 211 12.40 -13.72 -2.83
N TYR A 212 12.32 -13.15 -4.05
CA TYR A 212 13.52 -13.00 -4.86
C TYR A 212 14.25 -11.70 -4.50
N SER A 213 15.55 -11.81 -4.19
CA SER A 213 16.44 -10.66 -3.96
C SER A 213 17.32 -10.43 -5.18
N GLY A 214 18.24 -11.34 -5.42
CA GLY A 214 18.93 -11.41 -6.71
C GLY A 214 20.23 -10.65 -6.84
N ALA A 215 20.78 -10.12 -5.74
CA ALA A 215 22.01 -9.31 -5.85
C ALA A 215 23.18 -10.09 -6.44
N GLU A 216 23.24 -11.39 -6.16
CA GLU A 216 24.33 -12.22 -6.62
C GLU A 216 24.16 -12.71 -8.09
N ASP A 217 22.98 -12.48 -8.68
CA ASP A 217 22.70 -12.89 -10.05
C ASP A 217 23.13 -11.78 -10.97
N ILE A 218 24.39 -11.82 -11.40
CA ILE A 218 25.00 -10.72 -12.18
C ILE A 218 25.17 -11.06 -13.68
N GLY A 219 24.54 -12.13 -14.13
CA GLY A 219 24.69 -12.61 -15.49
C GLY A 219 25.69 -13.75 -15.54
N GLU A 220 25.73 -14.43 -16.68
CA GLU A 220 26.64 -15.56 -16.84
C GLU A 220 27.35 -15.55 -18.18
N ASP A 221 28.52 -16.18 -18.16
CA ASP A 221 29.43 -16.27 -19.28
C ASP A 221 29.61 -14.94 -20.03
N ARG A 222 29.22 -14.84 -21.29
CA ARG A 222 29.34 -13.59 -22.02
C ARG A 222 28.63 -12.41 -21.32
N GLY A 223 27.53 -12.69 -20.62
CA GLY A 223 26.79 -11.68 -19.89
C GLY A 223 27.21 -11.46 -18.45
N ARG A 224 28.31 -12.05 -18.00
CA ARG A 224 28.68 -11.88 -16.60
C ARG A 224 29.07 -10.42 -16.33
N GLY A 225 28.39 -9.80 -15.37
CA GLY A 225 28.53 -8.38 -15.07
C GLY A 225 27.56 -7.45 -15.80
N PHE A 226 26.69 -7.99 -16.65
CA PHE A 226 25.77 -7.17 -17.47
C PHE A 226 24.28 -7.30 -17.03
N ASN A 227 24.12 -7.75 -15.78
CA ASN A 227 22.83 -7.77 -15.07
C ASN A 227 23.10 -7.31 -13.64
N LEU A 228 22.36 -6.31 -13.16
CA LEU A 228 22.51 -5.86 -11.79
C LEU A 228 21.17 -5.72 -11.13
N ASN A 229 20.99 -6.42 -10.02
CA ASN A 229 19.82 -6.31 -9.17
C ASN A 229 20.15 -5.54 -7.91
N VAL A 230 19.31 -4.56 -7.57
CA VAL A 230 19.44 -3.77 -6.36
C VAL A 230 18.18 -4.01 -5.52
N PRO A 231 18.24 -4.96 -4.58
CA PRO A 231 17.11 -5.29 -3.74
C PRO A 231 17.05 -4.35 -2.55
N LEU A 232 16.21 -3.33 -2.69
CA LEU A 232 16.00 -2.32 -1.67
C LEU A 232 15.10 -2.83 -0.55
N LEU A 233 15.42 -2.43 0.68
CA LEU A 233 14.60 -2.85 1.84
C LEU A 233 13.19 -2.29 1.72
N PRO A 234 12.17 -3.11 2.00
CA PRO A 234 10.80 -2.59 2.09
C PRO A 234 10.73 -1.39 3.04
N GLY A 235 9.96 -0.38 2.68
CA GLY A 235 9.79 0.81 3.48
C GLY A 235 10.65 1.98 3.05
N GLY A 236 11.61 1.71 2.17
CA GLY A 236 12.49 2.80 1.71
C GLY A 236 11.80 3.76 0.78
N GLY A 237 12.35 4.96 0.68
CA GLY A 237 11.76 5.99 -0.17
C GLY A 237 12.80 6.73 -0.95
N HIS A 238 12.65 8.04 -0.94
CA HIS A 238 13.42 8.91 -1.81
C HIS A 238 14.93 8.71 -1.66
N ASP A 239 15.44 8.77 -0.45
CA ASP A 239 16.89 8.64 -0.24
C ASP A 239 17.41 7.29 -0.69
N ALA A 240 16.68 6.22 -0.41
CA ALA A 240 17.11 4.86 -0.81
C ALA A 240 17.32 4.77 -2.33
N TYR A 241 16.35 5.31 -3.08
CA TYR A 241 16.42 5.34 -4.53
C TYR A 241 17.50 6.29 -5.05
N MET A 242 17.65 7.47 -4.45
CA MET A 242 18.71 8.40 -4.85
C MET A 242 20.09 7.79 -4.62
N GLN A 243 20.28 7.11 -3.49
CA GLN A 243 21.55 6.42 -3.20
C GLN A 243 21.81 5.27 -4.17
N ALA A 244 20.76 4.50 -4.50
CA ALA A 244 20.87 3.43 -5.50
C ALA A 244 21.29 4.00 -6.85
N MET A 245 20.67 5.12 -7.24
CA MET A 245 20.99 5.76 -8.53
C MET A 245 22.44 6.25 -8.58
N GLN A 246 22.87 6.91 -7.52
CA GLN A 246 24.19 7.53 -7.49
C GLN A 246 25.31 6.51 -7.29
N ARG A 247 25.09 5.49 -6.47
CA ARG A 247 26.15 4.53 -6.15
C ARG A 247 26.24 3.34 -7.09
N ILE A 248 25.12 2.98 -7.73
CA ILE A 248 25.06 1.77 -8.56
C ILE A 248 24.68 2.08 -10.00
N VAL A 249 23.53 2.70 -10.20
CA VAL A 249 23.00 2.84 -11.57
C VAL A 249 23.91 3.71 -12.41
N LEU A 250 24.18 4.92 -11.96
CA LEU A 250 24.97 5.84 -12.79
C LEU A 250 26.38 5.31 -13.08
N PRO A 251 27.08 4.81 -12.04
CA PRO A 251 28.37 4.19 -12.33
C PRO A 251 28.29 3.04 -13.32
N ALA A 252 27.27 2.20 -13.21
CA ALA A 252 27.10 1.07 -14.13
C ALA A 252 26.88 1.53 -15.56
N LEU A 253 26.06 2.56 -15.75
CA LEU A 253 25.83 3.14 -17.08
C LEU A 253 27.09 3.78 -17.66
N GLU A 254 27.85 4.47 -16.82
CA GLU A 254 29.13 5.06 -17.23
C GLU A 254 30.08 3.99 -17.76
N ARG A 255 30.16 2.85 -17.08
CA ARG A 255 31.08 1.76 -17.47
C ARG A 255 30.61 1.13 -18.79
N PHE A 256 29.30 1.04 -18.98
CA PHE A 256 28.71 0.30 -20.13
C PHE A 256 28.67 1.13 -21.42
N ARG A 257 28.50 2.44 -21.28
CA ARG A 257 28.45 3.37 -22.42
C ARG A 257 27.29 3.03 -23.37
N PRO A 258 26.05 3.08 -22.86
CA PRO A 258 24.90 2.69 -23.70
C PRO A 258 24.71 3.63 -24.90
N GLN A 259 24.33 3.09 -26.04
CA GLN A 259 23.94 3.88 -27.20
C GLN A 259 22.44 4.22 -27.21
N LEU A 260 21.70 3.61 -26.32
CA LEU A 260 20.27 3.82 -26.12
C LEU A 260 19.97 3.41 -24.69
N ILE A 261 19.15 4.18 -23.99
CA ILE A 261 18.66 3.78 -22.67
C ILE A 261 17.16 3.61 -22.75
N VAL A 262 16.70 2.45 -22.29
CA VAL A 262 15.27 2.18 -22.12
C VAL A 262 14.96 2.08 -20.65
N VAL A 263 13.90 2.76 -20.20
CA VAL A 263 13.47 2.63 -18.83
C VAL A 263 12.17 1.85 -18.80
N ALA A 264 12.15 0.77 -18.01
CA ALA A 264 10.92 0.06 -17.66
C ALA A 264 10.38 0.79 -16.46
N SER A 265 9.47 1.74 -16.73
CA SER A 265 9.02 2.68 -15.73
C SER A 265 7.68 2.26 -15.16
N GLY A 266 7.71 1.46 -14.11
CA GLY A 266 6.53 1.30 -13.26
C GLY A 266 6.52 2.39 -12.22
N PHE A 267 5.34 2.74 -11.73
CA PHE A 267 5.19 3.77 -10.71
C PHE A 267 4.75 3.19 -9.36
N ASP A 268 4.88 1.89 -9.23
CA ASP A 268 4.37 1.18 -8.07
C ASP A 268 5.29 1.24 -6.86
N ALA A 269 6.44 1.93 -6.97
CA ALA A 269 7.19 2.33 -5.77
C ALA A 269 6.63 3.59 -5.10
N ASN A 270 5.57 4.19 -5.66
CA ASN A 270 4.96 5.31 -5.02
C ASN A 270 4.42 4.94 -3.63
N ALA A 271 4.36 5.96 -2.78
CA ALA A 271 4.08 5.83 -1.37
C ALA A 271 2.69 5.32 -1.00
N VAL A 272 1.75 5.29 -1.94
CA VAL A 272 0.39 4.79 -1.65
C VAL A 272 0.01 3.60 -2.54
N ASP A 273 0.99 2.90 -3.08
CA ASP A 273 0.67 1.77 -3.93
C ASP A 273 0.27 0.56 -3.09
N PRO A 274 -0.80 -0.15 -3.48
CA PRO A 274 -1.13 -1.38 -2.77
C PRO A 274 -0.19 -2.55 -3.02
N LEU A 275 0.55 -2.57 -4.14
CA LEU A 275 1.30 -3.77 -4.53
C LEU A 275 2.79 -3.75 -4.17
N ALA A 276 3.20 -2.72 -3.42
CA ALA A 276 4.54 -2.68 -2.82
C ALA A 276 4.51 -1.77 -1.61
N ARG A 277 5.65 -1.68 -0.93
CA ARG A 277 5.80 -1.06 0.39
C ARG A 277 6.84 0.09 0.38
N MET A 278 7.07 0.71 -0.76
CA MET A 278 8.07 1.77 -0.89
C MET A 278 7.39 3.16 -0.81
N GLN A 279 8.20 4.20 -0.65
CA GLN A 279 7.71 5.55 -0.27
C GLN A 279 8.16 6.65 -1.22
N LEU A 280 8.11 6.40 -2.53
CA LEU A 280 8.42 7.48 -3.48
C LEU A 280 7.29 8.48 -3.70
N HIS A 281 7.69 9.70 -4.01
CA HIS A 281 6.76 10.75 -4.45
C HIS A 281 7.10 11.15 -5.90
N SER A 282 6.27 12.02 -6.46
CA SER A 282 6.41 12.40 -7.86
C SER A 282 7.79 13.01 -8.16
N ASP A 283 8.33 13.78 -7.21
CA ASP A 283 9.68 14.34 -7.40
C ASP A 283 10.81 13.30 -7.37
N SER A 284 10.58 12.14 -6.78
CA SER A 284 11.54 11.03 -6.87
C SER A 284 11.64 10.51 -8.30
N PHE A 285 10.48 10.32 -8.92
CA PHE A 285 10.42 9.90 -10.31
C PHE A 285 10.99 10.98 -11.23
N ARG A 286 10.69 12.24 -10.92
CA ARG A 286 11.30 13.37 -11.64
C ARG A 286 12.83 13.29 -11.58
N ALA A 287 13.37 13.11 -10.38
CA ALA A 287 14.83 13.06 -10.18
C ALA A 287 15.48 11.85 -10.85
N MET A 288 14.86 10.68 -10.75
CA MET A 288 15.35 9.51 -11.47
C MET A 288 15.40 9.73 -12.98
N THR A 289 14.37 10.39 -13.50
CA THR A 289 14.28 10.68 -14.92
C THR A 289 15.35 11.65 -15.30
N ALA A 290 15.56 12.68 -14.48
CA ALA A 290 16.63 13.66 -14.74
C ALA A 290 18.01 12.99 -14.81
N MET A 291 18.27 12.09 -13.88
CA MET A 291 19.54 11.37 -13.81
C MET A 291 19.77 10.48 -15.03
N VAL A 292 18.77 9.68 -15.41
CA VAL A 292 18.90 8.82 -16.57
C VAL A 292 18.92 9.63 -17.90
N ARG A 293 18.22 10.76 -17.97
CA ARG A 293 18.30 11.63 -19.14
C ARG A 293 19.71 12.17 -19.30
N ASP A 294 20.30 12.60 -18.20
CA ASP A 294 21.69 13.08 -18.22
C ASP A 294 22.66 11.98 -18.69
N ALA A 295 22.52 10.77 -18.16
CA ALA A 295 23.29 9.63 -18.65
C ALA A 295 23.07 9.36 -20.16
N ALA A 296 21.82 9.46 -20.61
CA ALA A 296 21.52 9.32 -22.04
C ALA A 296 22.20 10.42 -22.86
N GLU A 297 22.20 11.64 -22.37
CA GLU A 297 22.84 12.75 -23.09
C GLU A 297 24.36 12.56 -23.19
N ARG A 298 24.96 11.97 -22.15
CA ARG A 298 26.41 11.74 -22.09
C ARG A 298 26.92 10.61 -22.97
N HIS A 299 26.15 9.54 -23.08
CA HIS A 299 26.58 8.34 -23.82
C HIS A 299 25.81 8.01 -25.06
N ALA A 300 24.51 8.31 -25.07
CA ALA A 300 23.60 7.81 -26.08
C ALA A 300 23.02 8.91 -26.96
N GLY A 301 23.68 10.06 -27.05
CA GLY A 301 23.16 11.19 -27.84
C GLY A 301 21.77 11.67 -27.45
N GLY A 302 21.43 11.49 -26.18
CA GLY A 302 20.12 11.83 -25.64
C GLY A 302 19.05 10.76 -25.83
N ARG A 303 19.39 9.63 -26.45
CA ARG A 303 18.40 8.62 -26.84
C ARG A 303 17.90 7.82 -25.64
N LEU A 304 16.70 8.18 -25.21
CA LEU A 304 16.08 7.64 -24.03
C LEU A 304 14.60 7.33 -24.34
N VAL A 305 14.15 6.14 -24.00
CA VAL A 305 12.75 5.75 -24.14
C VAL A 305 12.24 5.26 -22.80
N VAL A 306 11.10 5.79 -22.38
CA VAL A 306 10.49 5.34 -21.13
C VAL A 306 9.23 4.55 -21.48
N VAL A 307 9.17 3.32 -20.99
CA VAL A 307 8.02 2.42 -21.27
C VAL A 307 7.25 2.19 -19.98
N HIS A 308 5.96 2.52 -19.99
CA HIS A 308 5.12 2.38 -18.81
C HIS A 308 4.97 0.89 -18.45
N GLU A 309 5.17 0.53 -17.19
CA GLU A 309 5.00 -0.85 -16.72
C GLU A 309 3.87 -0.86 -15.67
N GLY A 310 4.21 -1.03 -14.40
CA GLY A 310 3.23 -1.04 -13.30
C GLY A 310 2.88 0.30 -12.70
N GLY A 311 2.13 0.24 -11.59
CA GLY A 311 1.59 1.43 -10.92
C GLY A 311 0.09 1.17 -10.70
N TYR A 312 -0.32 1.08 -9.45
CA TYR A 312 -1.67 0.63 -9.09
C TYR A 312 -2.47 1.59 -8.23
N SER A 313 -1.93 2.76 -7.93
CA SER A 313 -2.69 3.82 -7.26
C SER A 313 -3.34 4.72 -8.30
N GLU A 314 -4.65 4.57 -8.44
CA GLU A 314 -5.43 5.45 -9.32
C GLU A 314 -5.21 6.91 -9.01
N ALA A 315 -5.15 7.24 -7.72
CA ALA A 315 -5.05 8.64 -7.30
C ALA A 315 -3.68 9.21 -7.59
N TYR A 316 -2.63 8.42 -7.37
CA TYR A 316 -1.29 9.00 -7.34
C TYR A 316 -0.40 8.73 -8.54
N VAL A 317 -0.57 7.59 -9.19
CA VAL A 317 0.22 7.34 -10.42
C VAL A 317 0.18 8.52 -11.43
N PRO A 318 -0.99 9.16 -11.64
CA PRO A 318 -0.99 10.25 -12.63
C PRO A 318 0.04 11.35 -12.33
N PHE A 319 0.21 11.68 -11.06
CA PHE A 319 1.18 12.72 -10.68
C PHE A 319 2.62 12.27 -10.93
N CYS A 320 2.88 10.99 -10.68
CA CYS A 320 4.22 10.42 -10.89
C CYS A 320 4.57 10.34 -12.36
N GLY A 321 3.64 9.87 -13.18
CA GLY A 321 3.86 9.81 -14.63
C GLY A 321 4.01 11.20 -15.25
N LEU A 322 3.22 12.13 -14.77
CA LEU A 322 3.34 13.51 -15.22
C LEU A 322 4.74 14.09 -14.98
N ALA A 323 5.28 13.85 -13.78
CA ALA A 323 6.63 14.32 -13.43
C ALA A 323 7.70 13.77 -14.39
N VAL A 324 7.58 12.51 -14.76
CA VAL A 324 8.50 11.89 -15.71
C VAL A 324 8.40 12.60 -17.07
N ILE A 325 7.19 12.81 -17.55
CA ILE A 325 7.00 13.39 -18.89
C ILE A 325 7.43 14.86 -18.93
N GLU A 326 7.14 15.61 -17.87
CA GLU A 326 7.70 16.98 -17.71
C GLU A 326 9.23 16.98 -17.80
N GLU A 327 9.87 16.04 -17.11
CA GLU A 327 11.31 15.96 -17.14
C GLU A 327 11.86 15.56 -18.51
N LEU A 328 11.22 14.59 -19.19
CA LEU A 328 11.62 14.22 -20.55
C LEU A 328 11.52 15.40 -21.52
N SER A 329 10.41 16.10 -21.45
CA SER A 329 10.11 17.20 -22.38
C SER A 329 10.78 18.53 -22.01
N GLY A 330 11.22 18.70 -20.77
CA GLY A 330 11.76 19.98 -20.30
C GLY A 330 10.69 21.04 -20.10
N VAL A 331 9.43 20.62 -19.98
CA VAL A 331 8.29 21.53 -19.84
C VAL A 331 7.69 21.29 -18.46
N ARG A 332 7.48 22.36 -17.71
CA ARG A 332 6.87 22.23 -16.39
C ARG A 332 5.43 22.81 -16.48
N SER A 333 4.43 21.96 -16.23
CA SER A 333 3.02 22.36 -16.21
C SER A 333 2.69 23.08 -14.91
N ALA A 334 1.44 23.53 -14.79
CA ALA A 334 0.94 24.14 -13.56
C ALA A 334 0.54 23.13 -12.48
N VAL A 335 0.64 21.84 -12.79
CA VAL A 335 0.21 20.82 -11.86
C VAL A 335 1.13 20.79 -10.65
N ARG A 336 0.52 20.76 -9.49
CA ARG A 336 1.22 20.64 -8.22
C ARG A 336 0.76 19.35 -7.58
N ASP A 337 1.72 18.56 -7.14
CA ASP A 337 1.45 17.28 -6.53
C ASP A 337 0.87 17.50 -5.11
N PRO A 338 -0.42 17.15 -4.88
CA PRO A 338 -1.03 17.40 -3.57
C PRO A 338 -0.54 16.51 -2.41
N LEU A 339 0.19 15.44 -2.70
CA LEU A 339 0.72 14.53 -1.69
C LEU A 339 2.21 14.70 -1.37
N ARG A 340 2.90 15.51 -2.16
CA ARG A 340 4.36 15.64 -2.10
C ARG A 340 4.87 15.96 -0.69
N ASP A 341 4.33 17.01 -0.08
CA ASP A 341 4.82 17.46 1.23
C ASP A 341 4.52 16.43 2.32
N PHE A 342 3.37 15.79 2.21
CA PHE A 342 2.93 14.77 3.14
C PHE A 342 3.87 13.55 3.08
N ILE A 343 4.17 13.09 1.87
CA ILE A 343 5.07 11.95 1.68
C ILE A 343 6.49 12.28 2.18
N GLU A 344 6.94 13.52 2.00
CA GLU A 344 8.28 13.87 2.55
C GLU A 344 8.35 13.68 4.06
N LEU A 345 7.28 13.99 4.78
CA LEU A 345 7.25 13.78 6.24
C LEU A 345 7.24 12.32 6.67
N GLN A 346 6.84 11.41 5.78
CA GLN A 346 6.72 9.98 6.11
C GLN A 346 8.01 9.18 5.86
N GLN A 347 9.04 9.85 5.34
CA GLN A 347 10.24 9.15 4.90
C GLN A 347 10.95 8.40 6.05
N PRO A 348 11.72 7.34 5.73
CA PRO A 348 12.59 6.72 6.74
C PRO A 348 13.38 7.73 7.58
N ASN A 349 13.51 7.44 8.88
CA ASN A 349 14.32 8.25 9.76
C ASN A 349 15.82 8.09 9.46
N ALA A 350 16.64 8.89 10.12
CA ALA A 350 18.08 8.89 9.82
C ALA A 350 18.75 7.53 10.04
N ALA A 351 18.36 6.84 11.11
CA ALA A 351 18.95 5.52 11.40
C ALA A 351 18.66 4.51 10.29
N PHE A 352 17.41 4.50 9.84
CA PHE A 352 16.98 3.61 8.78
C PHE A 352 17.65 3.99 7.46
N ARG A 353 17.70 5.29 7.15
CA ARG A 353 18.41 5.75 5.94
C ARG A 353 19.87 5.32 5.96
N ASP A 354 20.53 5.45 7.10
CA ASP A 354 21.95 5.05 7.23
C ASP A 354 22.13 3.56 7.03
N PHE A 355 21.20 2.77 7.59
CA PHE A 355 21.23 1.32 7.46
C PHE A 355 21.16 0.92 5.98
N GLN A 356 20.23 1.52 5.24
CA GLN A 356 20.09 1.22 3.81
C GLN A 356 21.30 1.73 3.00
N ARG A 357 21.79 2.90 3.36
CA ARG A 357 22.94 3.46 2.65
C ARG A 357 24.12 2.53 2.77
N GLN A 358 24.38 2.03 3.97
CA GLN A 358 25.51 1.12 4.17
C GLN A 358 25.38 -0.15 3.34
N ARG A 359 24.17 -0.70 3.24
CA ARG A 359 23.94 -1.86 2.39
C ARG A 359 24.19 -1.56 0.93
N LEU A 360 23.85 -0.35 0.49
CA LEU A 360 24.11 0.04 -0.91
C LEU A 360 25.59 0.25 -1.19
N GLU A 361 26.31 0.80 -0.21
CA GLU A 361 27.76 0.92 -0.30
C GLU A 361 28.39 -0.45 -0.46
N GLU A 362 27.96 -1.41 0.36
CA GLU A 362 28.45 -2.79 0.29
C GLU A 362 28.13 -3.45 -1.04
N LEU A 363 26.94 -3.19 -1.56
CA LEU A 363 26.53 -3.74 -2.83
C LEU A 363 27.33 -3.15 -4.01
N ALA A 364 27.52 -1.83 -3.99
CA ALA A 364 28.37 -1.16 -4.97
C ALA A 364 29.78 -1.74 -5.01
N ALA A 365 30.34 -2.02 -3.83
CA ALA A 365 31.67 -2.67 -3.72
C ALA A 365 31.63 -4.09 -4.30
N GLN A 366 30.58 -4.84 -4.01
CA GLN A 366 30.38 -6.17 -4.60
C GLN A 366 30.37 -6.16 -6.12
N PHE A 367 29.67 -5.18 -6.66
CA PHE A 367 29.60 -5.00 -8.10
C PHE A 367 30.89 -4.41 -8.70
N GLY A 368 31.84 -4.01 -7.87
CA GLY A 368 33.09 -3.42 -8.35
C GLY A 368 32.93 -1.99 -8.86
N LEU A 369 31.94 -1.27 -8.32
CA LEU A 369 31.62 0.09 -8.75
C LEU A 369 32.02 1.18 -7.69
N CYS A 370 32.87 0.85 -6.72
CA CYS A 370 33.49 1.89 -5.86
C CYS A 370 34.21 2.99 -6.67
N THR B 1 -16.62 -23.14 25.20
CA THR B 1 -16.01 -22.09 24.31
C THR B 1 -16.50 -20.68 24.70
N ARG B 2 -15.90 -19.66 24.09
CA ARG B 2 -16.13 -18.26 24.49
C ARG B 2 -17.41 -17.70 23.87
N ARG B 3 -18.01 -16.72 24.54
CA ARG B 3 -19.19 -16.02 24.03
C ARG B 3 -18.71 -14.66 23.53
N THR B 4 -18.77 -14.46 22.21
CA THR B 4 -18.31 -13.21 21.58
C THR B 4 -19.49 -12.44 21.02
N ALA B 5 -19.67 -11.22 21.51
CA ALA B 5 -20.69 -10.34 20.99
C ALA B 5 -20.11 -9.59 19.78
N PHE B 6 -20.91 -9.49 18.73
CA PHE B 6 -20.52 -8.80 17.51
C PHE B 6 -21.48 -7.63 17.37
N PHE B 7 -20.97 -6.43 17.66
CA PHE B 7 -21.81 -5.23 17.57
C PHE B 7 -21.70 -4.65 16.17
N PHE B 8 -22.84 -4.59 15.49
CA PHE B 8 -22.88 -4.26 14.07
C PHE B 8 -24.19 -3.58 13.80
N ASP B 9 -24.17 -2.57 12.96
CA ASP B 9 -25.42 -2.07 12.40
C ASP B 9 -25.19 -1.73 10.94
N GLU B 10 -26.10 -2.19 10.09
CA GLU B 10 -26.03 -1.94 8.65
C GLU B 10 -25.91 -0.45 8.35
N LEU B 11 -26.57 0.40 9.14
CA LEU B 11 -26.53 1.84 8.88
C LEU B 11 -25.11 2.43 8.93
N CYS B 12 -24.21 1.85 9.72
CA CYS B 12 -22.83 2.32 9.74
C CYS B 12 -22.18 2.22 8.37
N LEU B 13 -22.62 1.26 7.56
CA LEU B 13 -22.12 1.11 6.20
C LEU B 13 -22.66 2.15 5.20
N TRP B 14 -23.59 3.01 5.64
CA TRP B 14 -24.23 4.03 4.80
C TRP B 14 -23.57 5.40 4.91
N HIS B 15 -22.60 5.57 5.82
CA HIS B 15 -21.83 6.81 5.92
C HIS B 15 -20.98 6.96 4.65
N ALA B 16 -21.05 8.11 3.99
CA ALA B 16 -20.18 8.34 2.83
C ALA B 16 -19.88 9.80 2.57
N ALA B 17 -18.61 10.09 2.37
CA ALA B 17 -18.13 11.44 2.09
C ALA B 17 -18.37 11.81 0.63
N GLY B 18 -18.12 13.08 0.30
CA GLY B 18 -18.12 13.52 -1.10
C GLY B 18 -16.98 12.90 -1.88
N PRO B 19 -16.90 13.21 -3.19
CA PRO B 19 -15.92 12.52 -4.02
C PRO B 19 -14.47 12.76 -3.58
N HIS B 20 -13.75 11.65 -3.42
CA HIS B 20 -12.32 11.65 -3.11
C HIS B 20 -11.67 10.60 -3.98
N ALA B 21 -10.41 10.84 -4.35
CA ALA B 21 -9.57 9.83 -4.97
C ALA B 21 -8.62 9.36 -3.87
N LEU B 22 -8.87 8.16 -3.35
CA LEU B 22 -8.16 7.66 -2.17
C LEU B 22 -8.42 8.63 -1.01
N THR B 23 -7.43 9.43 -0.59
CA THR B 23 -7.58 10.41 0.48
C THR B 23 -7.63 11.85 -0.04
N LEU B 24 -7.52 12.03 -1.35
CA LEU B 24 -7.45 13.35 -1.94
C LEU B 24 -8.84 13.83 -2.27
N PRO B 25 -9.22 15.01 -1.76
CA PRO B 25 -10.49 15.58 -2.21
C PRO B 25 -10.46 15.81 -3.70
N VAL B 26 -11.54 15.46 -4.36
CA VAL B 26 -11.69 15.73 -5.79
C VAL B 26 -11.78 17.25 -5.95
N GLY B 27 -11.21 17.75 -7.04
CA GLY B 27 -11.07 19.17 -7.27
C GLY B 27 -9.65 19.48 -7.68
N GLY B 28 -9.47 20.64 -8.30
CA GLY B 28 -8.18 21.06 -8.83
C GLY B 28 -7.63 19.99 -9.76
N TRP B 29 -6.45 19.46 -9.43
CA TRP B 29 -5.78 18.50 -10.29
C TRP B 29 -6.17 17.04 -10.04
N VAL B 30 -7.06 16.81 -9.07
CA VAL B 30 -7.51 15.46 -8.70
C VAL B 30 -8.84 15.14 -9.40
N GLN B 31 -8.77 14.27 -10.39
CA GLN B 31 -9.92 13.87 -11.18
C GLN B 31 -10.89 13.01 -10.35
N PRO B 32 -12.20 13.17 -10.54
CA PRO B 32 -13.13 12.29 -9.82
C PRO B 32 -12.92 10.83 -10.21
N PRO B 33 -12.93 9.90 -9.24
CA PRO B 33 -12.83 8.50 -9.64
C PRO B 33 -14.03 7.99 -10.41
N ALA B 34 -13.79 7.00 -11.27
CA ALA B 34 -14.86 6.44 -12.09
C ALA B 34 -15.72 5.52 -11.24
N ALA B 35 -15.13 4.97 -10.19
CA ALA B 35 -15.80 4.05 -9.30
C ALA B 35 -15.50 4.32 -7.84
N ALA B 36 -14.27 3.99 -7.45
CA ALA B 36 -13.92 3.84 -6.05
C ALA B 36 -13.60 5.24 -5.53
N GLY B 37 -14.35 5.65 -4.50
CA GLY B 37 -14.32 7.00 -3.95
C GLY B 37 -13.29 7.10 -2.84
N HIS B 38 -13.74 7.61 -1.70
CA HIS B 38 -12.86 7.86 -0.56
C HIS B 38 -12.38 6.52 -0.04
N ALA B 39 -11.12 6.49 0.40
CA ALA B 39 -10.48 5.27 0.93
C ALA B 39 -11.27 4.65 2.07
N GLU B 40 -11.73 5.49 3.00
CA GLU B 40 -12.68 5.04 4.07
C GLU B 40 -14.08 4.76 3.51
N SER B 41 -14.16 3.70 2.70
CA SER B 41 -15.38 3.39 1.97
C SER B 41 -16.12 2.34 2.79
N PRO B 42 -17.42 2.19 2.51
CA PRO B 42 -18.18 1.14 3.16
C PRO B 42 -17.67 -0.27 2.83
N GLU B 43 -17.11 -0.44 1.63
CA GLU B 43 -16.82 -1.75 1.09
C GLU B 43 -15.84 -2.59 1.91
N THR B 44 -14.83 -2.00 2.52
CA THR B 44 -13.99 -2.86 3.33
C THR B 44 -14.79 -3.52 4.47
N LYS B 45 -15.54 -2.68 5.18
CA LYS B 45 -16.26 -3.15 6.33
C LYS B 45 -17.37 -4.08 5.84
N ARG B 46 -18.01 -3.77 4.72
CA ARG B 46 -19.08 -4.63 4.22
C ARG B 46 -18.57 -6.02 3.82
N ARG B 47 -17.42 -6.06 3.17
CA ARG B 47 -16.84 -7.35 2.75
C ARG B 47 -16.43 -8.20 3.96
N LEU B 48 -16.01 -7.58 5.07
CA LEU B 48 -15.77 -8.31 6.29
C LEU B 48 -17.06 -8.97 6.78
N LYS B 49 -18.14 -8.19 6.88
CA LYS B 49 -19.42 -8.72 7.29
C LYS B 49 -19.88 -9.87 6.37
N SER B 50 -19.74 -9.68 5.06
CA SER B 50 -20.13 -10.72 4.10
C SER B 50 -19.35 -12.02 4.29
N LEU B 51 -18.06 -11.91 4.52
CA LEU B 51 -17.22 -13.08 4.70
C LEU B 51 -17.56 -13.77 6.03
N LEU B 52 -17.82 -12.97 7.08
CA LEU B 52 -18.28 -13.54 8.34
C LEU B 52 -19.55 -14.34 8.16
N ASP B 53 -20.48 -13.82 7.36
CA ASP B 53 -21.73 -14.52 7.04
C ASP B 53 -21.53 -15.81 6.27
N VAL B 54 -20.82 -15.75 5.14
CA VAL B 54 -20.67 -16.96 4.29
C VAL B 54 -19.80 -18.04 4.94
N SER B 55 -18.83 -17.63 5.76
CA SER B 55 -17.98 -18.54 6.52
C SER B 55 -18.75 -19.31 7.61
N GLY B 56 -19.93 -18.82 7.99
CA GLY B 56 -20.66 -19.40 9.10
C GLY B 56 -20.29 -18.83 10.47
N LEU B 57 -19.35 -17.88 10.51
CA LEU B 57 -18.98 -17.26 11.78
C LEU B 57 -20.06 -16.46 12.46
N THR B 58 -20.79 -15.66 11.70
CA THR B 58 -21.79 -14.78 12.26
C THR B 58 -22.81 -15.56 13.06
N ALA B 59 -23.16 -16.75 12.56
CA ALA B 59 -24.12 -17.62 13.25
C ALA B 59 -23.64 -18.11 14.62
N ARG B 60 -22.32 -18.09 14.85
CA ARG B 60 -21.71 -18.51 16.12
C ARG B 60 -21.44 -17.36 17.09
N LEU B 61 -21.75 -16.13 16.69
CA LEU B 61 -21.57 -14.94 17.51
C LEU B 61 -22.90 -14.49 18.06
N GLN B 62 -22.84 -13.64 19.08
CA GLN B 62 -24.03 -12.94 19.57
C GLN B 62 -24.15 -11.65 18.82
N LEU B 63 -25.02 -11.63 17.80
CA LEU B 63 -25.18 -10.45 16.95
C LEU B 63 -26.05 -9.39 17.65
N ARG B 64 -25.49 -8.20 17.84
CA ARG B 64 -26.09 -7.15 18.66
C ARG B 64 -26.03 -5.86 17.88
N SER B 65 -27.06 -5.03 18.02
CA SER B 65 -26.91 -3.61 17.73
C SER B 65 -26.98 -2.81 19.03
N ALA B 66 -27.10 -1.48 18.90
CA ALA B 66 -27.14 -0.60 20.06
C ALA B 66 -27.80 0.71 19.69
N PRO B 67 -28.36 1.40 20.68
CA PRO B 67 -28.79 2.77 20.43
C PRO B 67 -27.62 3.71 20.11
N PRO B 68 -27.90 4.80 19.40
CA PRO B 68 -26.82 5.76 19.13
C PRO B 68 -26.35 6.40 20.44
N ALA B 69 -25.13 6.90 20.43
CA ALA B 69 -24.61 7.65 21.59
C ALA B 69 -25.51 8.85 21.90
N SER B 70 -25.86 9.03 23.17
CA SER B 70 -26.63 10.20 23.61
C SER B 70 -25.75 11.46 23.59
N ASP B 71 -26.37 12.64 23.56
CA ASP B 71 -25.60 13.88 23.78
C ASP B 71 -24.80 13.83 25.08
N GLU B 72 -25.39 13.29 26.14
CA GLU B 72 -24.69 13.15 27.41
C GLU B 72 -23.40 12.38 27.26
N ASP B 73 -23.44 11.24 26.58
CA ASP B 73 -22.21 10.44 26.36
C ASP B 73 -21.18 11.20 25.53
N LEU B 74 -21.66 11.84 24.47
CA LEU B 74 -20.76 12.56 23.59
C LEU B 74 -20.12 13.76 24.30
N LEU B 75 -20.89 14.45 25.15
CA LEU B 75 -20.44 15.66 25.83
C LEU B 75 -19.38 15.42 26.89
N ARG B 76 -19.22 14.18 27.34
CA ARG B 76 -18.07 13.85 28.21
C ARG B 76 -16.72 14.10 27.53
N VAL B 77 -16.69 14.05 26.19
CA VAL B 77 -15.48 14.30 25.43
C VAL B 77 -15.56 15.57 24.60
N HIS B 78 -16.66 15.78 23.90
CA HIS B 78 -16.80 16.83 22.91
C HIS B 78 -17.67 17.97 23.39
N PRO B 79 -17.33 19.22 22.99
CA PRO B 79 -18.19 20.36 23.36
C PRO B 79 -19.50 20.46 22.56
N ALA B 80 -20.51 21.09 23.16
CA ALA B 80 -21.80 21.29 22.50
C ALA B 80 -21.64 21.97 21.13
N HIS B 81 -20.76 22.96 21.03
CA HIS B 81 -20.57 23.69 19.76
C HIS B 81 -19.98 22.81 18.65
N TYR B 82 -19.20 21.80 19.05
CA TYR B 82 -18.68 20.81 18.09
C TYR B 82 -19.83 19.98 17.54
N LEU B 83 -20.68 19.47 18.43
CA LEU B 83 -21.87 18.73 18.03
C LEU B 83 -22.77 19.55 17.10
N GLU B 84 -22.98 20.83 17.44
CA GLU B 84 -23.82 21.74 16.64
C GLU B 84 -23.26 21.97 15.24
N ARG B 85 -21.96 22.24 15.18
CA ARG B 85 -21.28 22.47 13.93
C ARG B 85 -21.32 21.22 13.03
N PHE B 86 -21.11 20.06 13.65
CA PHE B 86 -21.10 18.78 12.94
C PHE B 86 -22.51 18.52 12.38
N LYS B 87 -23.51 18.65 13.23
CA LYS B 87 -24.89 18.44 12.78
C LYS B 87 -25.32 19.39 11.66
N ALA B 88 -24.97 20.66 11.81
CA ALA B 88 -25.31 21.67 10.79
C ALA B 88 -24.71 21.29 9.43
N LEU B 89 -23.44 20.89 9.42
CA LEU B 89 -22.77 20.54 8.18
C LEU B 89 -23.37 19.26 7.57
N SER B 90 -23.67 18.28 8.43
CA SER B 90 -24.33 17.03 8.03
C SER B 90 -25.72 17.28 7.41
N ASP B 91 -26.50 18.15 8.03
CA ASP B 91 -27.82 18.54 7.49
C ASP B 91 -27.75 19.32 6.19
N ALA B 92 -26.66 20.05 5.98
CA ALA B 92 -26.44 20.82 4.74
C ALA B 92 -25.79 20.01 3.61
N GLY B 93 -25.80 18.68 3.70
CA GLY B 93 -25.29 17.81 2.64
C GLY B 93 -23.86 17.33 2.80
N GLY B 94 -23.20 17.72 3.88
CA GLY B 94 -21.83 17.25 4.18
C GLY B 94 -20.80 18.28 3.75
N GLY B 95 -19.54 17.86 3.75
CA GLY B 95 -18.41 18.73 3.44
C GLY B 95 -17.26 18.41 4.38
N SER B 96 -16.46 19.42 4.70
CA SER B 96 -15.21 19.23 5.42
C SER B 96 -15.36 19.63 6.88
N LEU B 97 -15.33 18.65 7.78
CA LEU B 97 -15.47 18.90 9.21
C LEU B 97 -14.10 19.17 9.84
N GLY B 98 -13.05 18.60 9.25
CA GLY B 98 -11.69 18.94 9.61
C GLY B 98 -10.74 18.71 8.45
N GLN B 99 -9.46 18.92 8.74
CA GLN B 99 -8.41 18.41 7.87
C GLN B 99 -8.42 16.85 7.83
N ASP B 100 -8.62 16.34 6.62
CA ASP B 100 -8.70 14.91 6.36
C ASP B 100 -9.88 14.30 7.10
N ALA B 101 -10.96 15.07 7.26
CA ALA B 101 -12.17 14.59 7.95
C ALA B 101 -13.42 15.04 7.18
N PRO B 102 -13.65 14.45 5.99
CA PRO B 102 -14.81 14.80 5.20
C PRO B 102 -16.06 14.03 5.64
N ILE B 103 -17.20 14.69 5.61
CA ILE B 103 -18.49 14.08 5.96
C ILE B 103 -19.51 14.20 4.84
N GLY B 104 -20.52 13.34 4.92
CA GLY B 104 -21.60 13.32 3.96
C GLY B 104 -22.92 13.68 4.59
N PRO B 105 -23.99 13.67 3.77
CA PRO B 105 -25.33 13.95 4.27
C PRO B 105 -25.76 12.87 5.29
N GLY B 106 -26.20 13.32 6.46
CA GLY B 106 -26.58 12.40 7.52
C GLY B 106 -25.45 11.71 8.28
N SER B 107 -24.20 12.06 8.00
CA SER B 107 -23.05 11.47 8.71
C SER B 107 -23.09 11.69 10.22
N TYR B 108 -23.72 12.77 10.67
CA TYR B 108 -23.84 13.05 12.09
C TYR B 108 -24.54 11.92 12.81
N GLU B 109 -25.72 11.54 12.34
CA GLU B 109 -26.46 10.44 12.96
C GLU B 109 -25.67 9.11 12.90
N ILE B 110 -24.97 8.87 11.80
CA ILE B 110 -24.27 7.61 11.64
C ILE B 110 -23.06 7.57 12.56
N ALA B 111 -22.37 8.71 12.72
CA ALA B 111 -21.27 8.81 13.66
C ALA B 111 -21.74 8.58 15.10
N ARG B 112 -22.95 9.05 15.43
CA ARG B 112 -23.51 8.80 16.76
C ARG B 112 -23.74 7.31 16.96
N LEU B 113 -24.17 6.63 15.90
CA LEU B 113 -24.40 5.19 16.02
C LEU B 113 -23.09 4.42 16.19
N SER B 114 -22.07 4.83 15.45
CA SER B 114 -20.74 4.20 15.56
C SER B 114 -20.21 4.29 17.00
N ALA B 115 -20.33 5.48 17.59
CA ALA B 115 -19.96 5.70 18.97
C ALA B 115 -20.83 4.86 19.91
N GLY B 116 -22.12 4.80 19.64
CA GLY B 116 -23.04 3.94 20.38
C GLY B 116 -22.68 2.46 20.40
N LEU B 117 -22.22 1.93 19.27
CA LEU B 117 -21.78 0.53 19.23
C LEU B 117 -20.58 0.29 20.15
N ALA B 118 -19.61 1.20 20.14
CA ALA B 118 -18.45 1.09 21.02
C ALA B 118 -18.86 1.18 22.50
N ILE B 119 -19.70 2.16 22.84
CA ILE B 119 -20.25 2.27 24.19
C ILE B 119 -20.88 0.94 24.64
N ALA B 120 -21.76 0.39 23.79
CA ALA B 120 -22.50 -0.81 24.12
C ALA B 120 -21.63 -2.05 24.23
N ALA B 121 -20.57 -2.13 23.42
CA ALA B 121 -19.65 -3.26 23.44
C ALA B 121 -18.89 -3.30 24.77
N LEU B 122 -18.37 -2.17 25.22
CA LEU B 122 -17.73 -2.10 26.56
C LEU B 122 -18.72 -2.43 27.67
N ASP B 123 -19.92 -1.88 27.60
CA ASP B 123 -20.97 -2.17 28.56
C ASP B 123 -21.31 -3.66 28.67
N ALA B 124 -21.46 -4.33 27.53
CA ALA B 124 -21.81 -5.77 27.50
C ALA B 124 -20.75 -6.64 28.16
N VAL B 125 -19.50 -6.33 27.89
CA VAL B 125 -18.38 -7.09 28.44
C VAL B 125 -18.24 -6.82 29.94
N LEU B 126 -18.37 -5.56 30.36
CA LEU B 126 -18.34 -5.22 31.80
C LEU B 126 -19.54 -5.77 32.57
N ALA B 127 -20.68 -5.90 31.90
CA ALA B 127 -21.90 -6.47 32.48
C ALA B 127 -21.92 -7.99 32.51
N GLY B 128 -20.97 -8.64 31.83
CA GLY B 128 -20.90 -10.10 31.82
C GLY B 128 -21.86 -10.75 30.82
N GLU B 129 -22.35 -9.97 29.86
CA GLU B 129 -23.25 -10.49 28.83
C GLU B 129 -22.48 -11.31 27.78
N ALA B 130 -21.19 -11.03 27.66
CA ALA B 130 -20.33 -11.77 26.76
C ALA B 130 -18.94 -11.78 27.37
N ASP B 131 -18.14 -12.75 26.96
CA ASP B 131 -16.74 -12.82 27.43
C ASP B 131 -15.92 -11.72 26.76
N ASN B 132 -16.22 -11.47 25.49
CA ASN B 132 -15.51 -10.44 24.74
C ASN B 132 -16.37 -9.92 23.62
N ALA B 133 -15.91 -8.91 22.90
CA ALA B 133 -16.76 -8.29 21.90
C ALA B 133 -15.96 -7.66 20.78
N TYR B 134 -16.59 -7.60 19.62
CA TYR B 134 -16.03 -6.92 18.46
C TYR B 134 -17.08 -5.91 18.01
N SER B 135 -16.67 -4.68 17.78
CA SER B 135 -17.59 -3.62 17.39
C SER B 135 -17.17 -3.12 16.04
N LEU B 136 -18.05 -3.27 15.06
CA LEU B 136 -17.74 -2.80 13.72
C LEU B 136 -18.13 -1.31 13.64
N SER B 137 -17.40 -0.48 14.37
CA SER B 137 -17.66 0.97 14.52
C SER B 137 -17.11 1.75 13.31
N ARG B 138 -17.99 2.03 12.33
CA ARG B 138 -17.71 2.98 11.25
C ARG B 138 -18.70 4.19 11.28
N PRO B 139 -18.24 5.45 11.24
CA PRO B 139 -16.86 5.85 11.06
C PRO B 139 -15.96 5.63 12.28
N PRO B 140 -14.64 5.62 12.05
CA PRO B 140 -13.66 5.31 13.09
C PRO B 140 -13.47 6.48 14.07
N GLY B 141 -12.64 6.26 15.08
CA GLY B 141 -12.53 7.18 16.19
C GLY B 141 -11.17 7.63 16.66
N HIS B 142 -10.12 6.85 16.43
CA HIS B 142 -8.90 6.99 17.25
C HIS B 142 -8.03 8.24 16.99
N HIS B 143 -8.30 8.99 15.91
CA HIS B 143 -7.63 10.27 15.69
C HIS B 143 -8.40 11.48 16.19
N CYS B 144 -9.69 11.31 16.49
CA CYS B 144 -10.53 12.46 16.78
C CYS B 144 -10.14 13.10 18.10
N LEU B 145 -9.96 14.41 18.08
CA LEU B 145 -9.73 15.17 19.30
C LEU B 145 -11.05 15.75 19.83
N PRO B 146 -11.09 16.18 21.12
CA PRO B 146 -12.33 16.72 21.68
C PRO B 146 -13.02 17.77 20.81
N ASP B 147 -12.28 18.72 20.26
CA ASP B 147 -12.84 19.77 19.41
C ASP B 147 -12.24 19.83 17.99
N GLN B 148 -11.76 18.68 17.50
CA GLN B 148 -11.20 18.65 16.17
C GLN B 148 -11.33 17.27 15.54
N ALA B 149 -12.16 17.17 14.50
CA ALA B 149 -12.23 15.95 13.70
C ALA B 149 -10.91 15.83 12.94
N MET B 150 -10.40 14.61 12.79
CA MET B 150 -9.24 14.37 11.92
C MET B 150 -9.11 12.93 11.52
N GLY B 151 -8.38 12.71 10.44
CA GLY B 151 -8.10 11.35 9.95
C GLY B 151 -9.34 10.47 9.84
N PHE B 152 -10.39 11.02 9.23
CA PHE B 152 -11.64 10.29 8.96
C PHE B 152 -12.47 9.97 10.21
N CYS B 153 -12.11 10.57 11.36
CA CYS B 153 -12.77 10.32 12.64
C CYS B 153 -13.47 11.59 13.09
N PHE B 154 -14.72 11.43 13.53
CA PHE B 154 -15.59 12.56 13.90
C PHE B 154 -16.02 12.59 15.35
N PHE B 155 -16.09 11.43 15.99
CA PHE B 155 -16.15 11.33 17.44
C PHE B 155 -15.03 10.40 17.93
N ALA B 156 -14.58 10.64 19.15
CA ALA B 156 -13.54 9.84 19.78
C ALA B 156 -14.16 8.57 20.35
N ASN B 157 -14.53 7.64 19.47
CA ASN B 157 -15.37 6.49 19.85
C ASN B 157 -14.90 5.78 21.11
N ILE B 158 -13.63 5.41 21.15
CA ILE B 158 -13.12 4.61 22.29
C ILE B 158 -13.16 5.43 23.56
N ALA B 159 -12.72 6.69 23.47
CA ALA B 159 -12.76 7.59 24.64
C ALA B 159 -14.19 7.82 25.15
N VAL B 160 -15.12 8.06 24.24
CA VAL B 160 -16.52 8.18 24.62
C VAL B 160 -17.01 6.90 25.33
N ALA B 161 -16.64 5.74 24.81
CA ALA B 161 -17.08 4.46 25.37
C ALA B 161 -16.47 4.25 26.76
N ILE B 162 -15.21 4.65 26.92
CA ILE B 162 -14.52 4.51 28.20
C ILE B 162 -15.14 5.43 29.24
N GLU B 163 -15.35 6.70 28.89
CA GLU B 163 -15.93 7.64 29.87
C GLU B 163 -17.35 7.23 30.27
N ALA B 164 -18.09 6.64 29.35
CA ALA B 164 -19.41 6.11 29.64
C ALA B 164 -19.33 4.90 30.57
N ALA B 165 -18.37 4.03 30.32
CA ALA B 165 -18.16 2.84 31.13
C ALA B 165 -17.74 3.20 32.55
N LYS B 166 -16.91 4.24 32.69
CA LYS B 166 -16.53 4.71 34.01
C LYS B 166 -17.72 5.26 34.76
N ALA B 167 -18.59 5.98 34.05
CA ALA B 167 -19.76 6.56 34.71
C ALA B 167 -20.77 5.49 35.14
N ARG B 168 -20.94 4.47 34.32
CA ARG B 168 -21.93 3.41 34.57
C ARG B 168 -21.40 2.29 35.49
N HIS B 169 -20.17 1.83 35.25
CA HIS B 169 -19.62 0.64 35.94
C HIS B 169 -18.49 0.93 36.92
N GLY B 170 -17.87 2.10 36.85
CA GLY B 170 -16.79 2.43 37.80
C GLY B 170 -15.50 1.63 37.65
N VAL B 171 -15.23 1.18 36.43
CA VAL B 171 -13.94 0.53 36.09
C VAL B 171 -12.78 1.50 36.32
N GLU B 172 -11.71 1.03 36.95
CA GLU B 172 -10.59 1.87 37.40
C GLU B 172 -9.38 1.86 36.49
N ARG B 173 -9.14 0.75 35.80
CA ARG B 173 -7.95 0.60 34.95
C ARG B 173 -8.32 -0.03 33.63
N VAL B 174 -8.23 0.78 32.57
CA VAL B 174 -8.49 0.32 31.21
C VAL B 174 -7.22 0.47 30.38
N ALA B 175 -6.85 -0.58 29.64
CA ALA B 175 -5.76 -0.49 28.70
C ALA B 175 -6.33 -0.38 27.29
N VAL B 176 -5.79 0.53 26.49
CA VAL B 176 -6.16 0.64 25.08
C VAL B 176 -4.93 0.31 24.25
N LEU B 177 -4.97 -0.81 23.55
CA LEU B 177 -3.91 -1.18 22.61
C LEU B 177 -4.35 -0.85 21.20
N ASP B 178 -3.63 0.04 20.54
CA ASP B 178 -4.00 0.52 19.22
C ASP B 178 -3.01 -0.01 18.17
N TRP B 179 -3.45 -1.05 17.46
CA TRP B 179 -2.65 -1.67 16.39
C TRP B 179 -3.07 -1.29 14.99
N ASP B 180 -4.04 -0.38 14.85
CA ASP B 180 -4.18 0.39 13.62
C ASP B 180 -2.78 0.90 13.30
N VAL B 181 -2.43 0.94 12.04
CA VAL B 181 -1.06 1.25 11.63
C VAL B 181 -0.68 2.72 11.84
N HIS B 182 -1.68 3.58 12.06
CA HIS B 182 -1.48 4.99 12.28
C HIS B 182 -1.53 5.30 13.77
N HIS B 183 -0.95 6.43 14.14
CA HIS B 183 -0.82 6.79 15.55
C HIS B 183 -2.19 7.10 16.13
N GLY B 184 -2.49 6.53 17.30
CA GLY B 184 -3.73 6.83 18.01
C GLY B 184 -3.64 8.13 18.77
N ASN B 185 -3.57 9.25 18.04
CA ASN B 185 -3.33 10.55 18.66
C ASN B 185 -4.49 11.06 19.51
N GLY B 186 -5.72 10.68 19.17
CA GLY B 186 -6.88 11.10 19.91
C GLY B 186 -6.90 10.50 21.30
N THR B 187 -6.77 9.17 21.36
CA THR B 187 -6.70 8.47 22.61
C THR B 187 -5.52 8.95 23.43
N GLN B 188 -4.38 9.12 22.77
CA GLN B 188 -3.19 9.62 23.48
C GLN B 188 -3.45 10.98 24.17
N ALA B 189 -4.00 11.94 23.41
CA ALA B 189 -4.20 13.30 23.92
C ALA B 189 -5.19 13.30 25.07
N ILE B 190 -6.29 12.57 24.92
CA ILE B 190 -7.34 12.63 25.94
C ILE B 190 -6.85 12.08 27.30
N TYR B 191 -6.07 11.01 27.22
CA TYR B 191 -5.64 10.33 28.42
C TYR B 191 -4.20 10.65 28.83
N TYR B 192 -3.60 11.68 28.24
CA TYR B 192 -2.17 11.91 28.35
C TYR B 192 -1.67 12.16 29.79
N ARG B 193 -2.49 12.78 30.61
CA ARG B 193 -2.16 13.03 32.00
C ARG B 193 -2.92 12.15 32.97
N ARG B 194 -3.44 11.02 32.48
CA ARG B 194 -4.23 10.09 33.25
C ARG B 194 -3.53 8.73 33.37
N ASP B 195 -3.62 8.22 34.61
CA ASP B 195 -3.13 6.91 34.97
C ASP B 195 -4.20 5.84 35.07
N ASP B 196 -5.46 6.20 34.82
CA ASP B 196 -6.52 5.19 34.81
C ASP B 196 -6.71 4.52 33.44
N VAL B 197 -6.07 5.09 32.42
CA VAL B 197 -6.04 4.53 31.09
C VAL B 197 -4.59 4.49 30.58
N LEU B 198 -4.15 3.27 30.27
CA LEU B 198 -2.87 3.04 29.61
C LEU B 198 -3.14 3.01 28.14
N SER B 199 -2.54 3.92 27.39
CA SER B 199 -2.70 3.97 25.95
C SER B 199 -1.40 3.52 25.32
N ILE B 200 -1.47 2.52 24.47
CA ILE B 200 -0.30 2.02 23.76
C ILE B 200 -0.62 2.09 22.28
N SER B 201 0.26 2.70 21.50
CA SER B 201 0.10 2.70 20.03
C SER B 201 1.29 2.04 19.35
N LEU B 202 1.00 0.98 18.58
CA LEU B 202 1.94 0.48 17.60
C LEU B 202 1.59 1.18 16.31
N HIS B 203 2.57 1.79 15.68
CA HIS B 203 2.32 2.45 14.41
C HIS B 203 3.56 2.54 13.56
N GLN B 204 3.33 2.67 12.26
CA GLN B 204 4.42 2.98 11.37
C GLN B 204 4.97 4.37 11.68
N ASP B 205 6.26 4.42 11.93
CA ASP B 205 6.97 5.64 12.26
C ASP B 205 6.69 6.69 11.19
N GLY B 206 6.10 7.79 11.59
CA GLY B 206 5.90 8.94 10.70
C GLY B 206 4.77 8.84 9.69
N CYS B 207 3.90 7.84 9.79
CA CYS B 207 2.88 7.64 8.73
C CYS B 207 1.72 8.63 8.84
N PHE B 208 0.94 8.54 9.92
CA PHE B 208 -0.11 9.51 10.20
C PHE B 208 -0.37 9.60 11.70
N PRO B 209 -0.26 10.78 12.31
CA PRO B 209 0.00 12.06 11.64
C PRO B 209 1.40 12.08 11.04
N PRO B 210 1.56 12.79 9.91
CA PRO B 210 2.79 12.61 9.14
C PRO B 210 4.01 13.15 9.89
N GLY B 211 5.06 12.36 9.89
CA GLY B 211 6.28 12.73 10.60
C GLY B 211 6.28 12.50 12.09
N TYR B 212 5.18 12.05 12.69
CA TYR B 212 5.16 11.80 14.13
C TYR B 212 5.72 10.40 14.47
N SER B 213 6.69 10.35 15.37
CA SER B 213 7.25 9.11 15.89
C SER B 213 6.70 8.85 17.30
N GLY B 214 7.11 9.69 18.24
CA GLY B 214 6.46 9.78 19.53
C GLY B 214 7.00 8.90 20.64
N ALA B 215 8.16 8.25 20.45
CA ALA B 215 8.65 7.32 21.49
C ALA B 215 8.90 8.01 22.82
N GLU B 216 9.33 9.26 22.76
CA GLU B 216 9.65 10.02 23.97
C GLU B 216 8.39 10.61 24.67
N ASP B 217 7.23 10.53 24.01
CA ASP B 217 5.98 11.04 24.57
C ASP B 217 5.35 9.91 25.40
N ILE B 218 5.69 9.86 26.69
CA ILE B 218 5.26 8.77 27.57
C ILE B 218 4.15 9.18 28.55
N GLY B 219 3.55 10.34 28.33
CA GLY B 219 2.59 10.90 29.26
C GLY B 219 3.24 11.90 30.15
N GLU B 220 2.42 12.67 30.85
CA GLU B 220 2.94 13.68 31.76
C GLU B 220 2.25 13.68 33.10
N ASP B 221 3.00 14.15 34.09
CA ASP B 221 2.60 14.26 35.48
C ASP B 221 1.90 12.99 35.94
N ARG B 222 0.64 13.04 36.32
CA ARG B 222 -0.05 11.86 36.77
C ARG B 222 -0.03 10.73 35.76
N GLY B 223 -0.04 11.06 34.47
CA GLY B 223 -0.01 10.10 33.41
C GLY B 223 1.38 9.69 32.94
N ARG B 224 2.44 10.11 33.62
CA ARG B 224 3.78 9.78 33.13
C ARG B 224 4.00 8.27 33.22
N GLY B 225 4.33 7.67 32.09
CA GLY B 225 4.48 6.23 31.96
C GLY B 225 3.24 5.47 31.59
N PHE B 226 2.13 6.17 31.36
CA PHE B 226 0.86 5.53 31.02
C PHE B 226 0.43 5.79 29.54
N ASN B 227 1.43 6.18 28.73
CA ASN B 227 1.30 6.28 27.27
C ASN B 227 2.56 5.71 26.66
N LEU B 228 2.44 4.79 25.71
CA LEU B 228 3.62 4.23 25.06
C LEU B 228 3.39 4.19 23.58
N ASN B 229 4.31 4.80 22.85
CA ASN B 229 4.35 4.78 21.40
C ASN B 229 5.49 3.89 20.92
N VAL B 230 5.19 2.98 20.00
CA VAL B 230 6.17 2.08 19.39
C VAL B 230 6.19 2.39 17.88
N PRO B 231 7.10 3.28 17.47
CA PRO B 231 7.20 3.69 16.06
C PRO B 231 8.03 2.68 15.28
N LEU B 232 7.34 1.76 14.64
CA LEU B 232 7.97 0.70 13.86
C LEU B 232 8.44 1.22 12.52
N LEU B 233 9.56 0.70 12.05
CA LEU B 233 10.12 1.14 10.77
C LEU B 233 9.18 0.75 9.63
N PRO B 234 8.92 1.67 8.68
CA PRO B 234 8.20 1.30 7.48
C PRO B 234 8.81 0.06 6.83
N GLY B 235 7.95 -0.84 6.33
CA GLY B 235 8.41 -2.04 5.68
C GLY B 235 8.40 -3.28 6.58
N GLY B 236 8.22 -3.07 7.87
CA GLY B 236 8.21 -4.20 8.80
C GLY B 236 6.94 -5.03 8.68
N GLY B 237 7.05 -6.29 9.11
CA GLY B 237 5.92 -7.18 9.07
C GLY B 237 5.79 -7.99 10.35
N HIS B 238 5.57 -9.28 10.17
CA HIS B 238 5.15 -10.15 11.23
C HIS B 238 6.12 -10.14 12.41
N ASP B 239 7.41 -10.32 12.14
CA ASP B 239 8.39 -10.36 13.21
C ASP B 239 8.45 -9.04 13.98
N ALA B 240 8.40 -7.91 13.27
CA ALA B 240 8.44 -6.59 13.94
C ALA B 240 7.31 -6.45 14.96
N TYR B 241 6.11 -6.82 14.54
CA TYR B 241 4.93 -6.74 15.40
C TYR B 241 4.99 -7.75 16.55
N MET B 242 5.44 -8.97 16.28
CA MET B 242 5.59 -9.98 17.37
C MET B 242 6.60 -9.53 18.42
N GLN B 243 7.72 -8.98 17.96
CA GLN B 243 8.75 -8.47 18.88
C GLN B 243 8.20 -7.29 19.70
N ALA B 244 7.47 -6.39 19.05
CA ALA B 244 6.83 -5.28 19.76
C ALA B 244 5.87 -5.77 20.84
N MET B 245 5.05 -6.76 20.49
CA MET B 245 4.12 -7.35 21.44
C MET B 245 4.83 -7.98 22.66
N GLN B 246 5.88 -8.75 22.39
CA GLN B 246 6.56 -9.47 23.44
C GLN B 246 7.44 -8.58 24.31
N ARG B 247 8.12 -7.60 23.71
CA ARG B 247 9.09 -6.81 24.45
C ARG B 247 8.53 -5.55 25.09
N ILE B 248 7.43 -5.04 24.54
CA ILE B 248 6.85 -3.78 25.01
C ILE B 248 5.40 -3.95 25.50
N VAL B 249 4.53 -4.45 24.65
CA VAL B 249 3.10 -4.46 24.98
C VAL B 249 2.82 -5.35 26.18
N LEU B 250 3.21 -6.61 26.10
CA LEU B 250 2.86 -7.51 27.19
C LEU B 250 3.48 -7.09 28.55
N PRO B 251 4.76 -6.69 28.57
CA PRO B 251 5.32 -6.16 29.83
C PRO B 251 4.58 -4.91 30.37
N ALA B 252 4.21 -4.02 29.48
CA ALA B 252 3.44 -2.84 29.88
C ALA B 252 2.07 -3.19 30.49
N LEU B 253 1.36 -4.15 29.88
CA LEU B 253 0.08 -4.64 30.43
C LEU B 253 0.24 -5.31 31.77
N GLU B 254 1.31 -6.09 31.91
CA GLU B 254 1.58 -6.77 33.15
C GLU B 254 1.75 -5.81 34.31
N ARG B 255 2.47 -4.71 34.07
CA ARG B 255 2.68 -3.73 35.14
C ARG B 255 1.41 -2.95 35.46
N PHE B 256 0.57 -2.72 34.45
CA PHE B 256 -0.63 -1.89 34.59
C PHE B 256 -1.81 -2.63 35.24
N ARG B 257 -1.92 -3.94 34.99
CA ARG B 257 -3.00 -4.77 35.56
C ARG B 257 -4.37 -4.26 35.13
N PRO B 258 -4.61 -4.24 33.81
CA PRO B 258 -5.91 -3.72 33.34
C PRO B 258 -7.10 -4.55 33.83
N GLN B 259 -8.20 -3.88 34.16
CA GLN B 259 -9.47 -4.54 34.45
C GLN B 259 -10.33 -4.74 33.21
N LEU B 260 -9.94 -4.08 32.12
CA LEU B 260 -10.57 -4.16 30.82
C LEU B 260 -9.51 -3.82 29.77
N ILE B 261 -9.46 -4.59 28.68
CA ILE B 261 -8.59 -4.26 27.55
C ILE B 261 -9.45 -3.91 26.36
N VAL B 262 -9.20 -2.74 25.78
CA VAL B 262 -9.81 -2.34 24.53
C VAL B 262 -8.76 -2.30 23.45
N VAL B 263 -9.04 -2.90 22.29
CA VAL B 263 -8.14 -2.82 21.15
C VAL B 263 -8.76 -1.90 20.09
N ALA B 264 -8.00 -0.88 19.70
CA ALA B 264 -8.30 -0.07 18.54
C ALA B 264 -7.70 -0.81 17.37
N SER B 265 -8.53 -1.65 16.73
CA SER B 265 -8.05 -2.60 15.75
C SER B 265 -8.28 -2.11 14.33
N GLY B 266 -7.30 -1.39 13.80
CA GLY B 266 -7.25 -1.15 12.37
C GLY B 266 -6.51 -2.31 11.73
N PHE B 267 -6.79 -2.56 10.45
CA PHE B 267 -6.15 -3.63 9.68
C PHE B 267 -5.23 -3.09 8.60
N ASP B 268 -4.92 -1.82 8.69
CA ASP B 268 -4.15 -1.12 7.67
C ASP B 268 -2.64 -1.38 7.74
N ALA B 269 -2.16 -2.15 8.73
CA ALA B 269 -0.83 -2.71 8.66
C ALA B 269 -0.73 -3.94 7.73
N ASN B 270 -1.84 -4.38 7.15
CA ASN B 270 -1.78 -5.49 6.21
C ASN B 270 -0.90 -5.15 5.00
N ALA B 271 -0.34 -6.20 4.43
CA ALA B 271 0.70 -6.13 3.41
C ALA B 271 0.29 -5.51 2.09
N VAL B 272 -1.02 -5.31 1.84
CA VAL B 272 -1.47 -4.69 0.57
C VAL B 272 -2.27 -3.41 0.82
N ASP B 273 -2.11 -2.80 2.00
CA ASP B 273 -2.85 -1.58 2.27
C ASP B 273 -2.24 -0.40 1.52
N PRO B 274 -3.07 0.41 0.86
CA PRO B 274 -2.52 1.64 0.27
C PRO B 274 -2.08 2.72 1.28
N LEU B 275 -2.60 2.72 2.51
CA LEU B 275 -2.39 3.86 3.42
C LEU B 275 -1.27 3.65 4.44
N ALA B 276 -0.55 2.55 4.30
CA ALA B 276 0.68 2.34 5.05
C ALA B 276 1.58 1.37 4.30
N ARG B 277 2.76 1.12 4.86
CA ARG B 277 3.86 0.41 4.20
C ARG B 277 4.30 -0.83 5.02
N MET B 278 3.41 -1.40 5.82
CA MET B 278 3.75 -2.56 6.65
C MET B 278 3.30 -3.85 5.96
N GLN B 279 3.78 -4.98 6.49
CA GLN B 279 3.65 -6.29 5.82
C GLN B 279 2.98 -7.38 6.65
N LEU B 280 1.90 -7.06 7.35
CA LEU B 280 1.18 -8.09 8.11
C LEU B 280 0.27 -8.95 7.25
N HIS B 281 0.09 -10.20 7.69
CA HIS B 281 -0.90 -11.10 7.10
C HIS B 281 -1.95 -11.45 8.17
N SER B 282 -2.97 -12.19 7.76
CA SER B 282 -4.09 -12.49 8.64
C SER B 282 -3.65 -13.20 9.93
N ASP B 283 -2.65 -14.08 9.81
CA ASP B 283 -2.12 -14.77 11.00
C ASP B 283 -1.35 -13.88 11.97
N SER B 284 -0.83 -12.74 11.50
CA SER B 284 -0.27 -11.73 12.40
C SER B 284 -1.33 -11.15 13.31
N PHE B 285 -2.47 -10.78 12.70
CA PHE B 285 -3.60 -10.27 13.46
C PHE B 285 -4.15 -11.34 14.40
N ARG B 286 -4.21 -12.58 13.93
CA ARG B 286 -4.62 -13.70 14.79
C ARG B 286 -3.71 -13.79 16.03
N ALA B 287 -2.41 -13.74 15.80
CA ALA B 287 -1.44 -13.88 16.91
C ALA B 287 -1.51 -12.71 17.88
N MET B 288 -1.62 -11.50 17.37
CA MET B 288 -1.80 -10.32 18.25
C MET B 288 -3.07 -10.44 19.10
N THR B 289 -4.14 -10.95 18.49
CA THR B 289 -5.40 -11.11 19.21
C THR B 289 -5.23 -12.19 20.27
N ALA B 290 -4.55 -13.29 19.93
CA ALA B 290 -4.29 -14.35 20.91
C ALA B 290 -3.52 -13.83 22.14
N MET B 291 -2.50 -13.03 21.89
CA MET B 291 -1.68 -12.45 22.96
C MET B 291 -2.48 -11.53 23.88
N VAL B 292 -3.28 -10.65 23.30
CA VAL B 292 -4.07 -9.72 24.08
C VAL B 292 -5.26 -10.42 24.79
N ARG B 293 -5.84 -11.45 24.16
CA ARG B 293 -6.87 -12.26 24.84
C ARG B 293 -6.29 -12.95 26.06
N ASP B 294 -5.10 -13.52 25.91
CA ASP B 294 -4.43 -14.14 27.03
C ASP B 294 -4.19 -13.12 28.17
N ALA B 295 -3.70 -11.93 27.83
CA ALA B 295 -3.49 -10.87 28.82
C ALA B 295 -4.82 -10.49 29.50
N ALA B 296 -5.89 -10.44 28.72
CA ALA B 296 -7.22 -10.14 29.29
C ALA B 296 -7.69 -11.23 30.24
N GLU B 297 -7.43 -12.51 29.88
CA GLU B 297 -7.80 -13.62 30.74
C GLU B 297 -7.00 -13.63 32.05
N ARG B 298 -5.73 -13.20 31.98
CA ARG B 298 -4.85 -13.16 33.16
C ARG B 298 -5.13 -11.98 34.13
N HIS B 299 -5.48 -10.80 33.60
CA HIS B 299 -5.69 -9.60 34.44
C HIS B 299 -7.12 -9.13 34.59
N ALA B 300 -7.90 -9.26 33.52
CA ALA B 300 -9.18 -8.57 33.39
C ALA B 300 -10.37 -9.53 33.34
N GLY B 301 -10.22 -10.75 33.85
CA GLY B 301 -11.30 -11.74 33.80
C GLY B 301 -11.81 -12.07 32.40
N GLY B 302 -10.92 -11.95 31.42
CA GLY B 302 -11.24 -12.19 30.01
C GLY B 302 -11.84 -10.98 29.30
N ARG B 303 -12.02 -9.86 30.00
CA ARG B 303 -12.75 -8.72 29.43
C ARG B 303 -11.93 -7.99 28.39
N LEU B 304 -12.31 -8.22 27.12
CA LEU B 304 -11.61 -7.68 25.97
C LEU B 304 -12.63 -7.19 24.95
N VAL B 305 -12.44 -5.97 24.46
CA VAL B 305 -13.27 -5.43 23.40
C VAL B 305 -12.40 -5.00 22.25
N VAL B 306 -12.75 -5.44 21.04
CA VAL B 306 -12.01 -5.02 19.84
C VAL B 306 -12.89 -4.08 19.03
N VAL B 307 -12.39 -2.88 18.74
CA VAL B 307 -13.13 -1.86 18.03
C VAL B 307 -12.48 -1.64 16.68
N HIS B 308 -13.25 -1.81 15.61
CA HIS B 308 -12.72 -1.68 14.26
C HIS B 308 -12.35 -0.22 14.00
N GLU B 309 -11.16 0.04 13.48
CA GLU B 309 -10.70 1.42 13.18
C GLU B 309 -10.47 1.48 11.66
N GLY B 310 -9.22 1.48 11.22
CA GLY B 310 -8.86 1.52 9.81
C GLY B 310 -8.70 0.18 9.10
N GLY B 311 -8.21 0.24 7.87
CA GLY B 311 -8.09 -0.91 6.98
C GLY B 311 -8.69 -0.52 5.65
N TYR B 312 -7.87 -0.46 4.60
CA TYR B 312 -8.29 0.11 3.29
C TYR B 312 -8.13 -0.81 2.08
N SER B 313 -7.73 -2.05 2.30
CA SER B 313 -7.72 -3.06 1.25
C SER B 313 -9.04 -3.82 1.24
N GLU B 314 -9.88 -3.53 0.25
CA GLU B 314 -11.14 -4.24 0.05
C GLU B 314 -10.94 -5.75 -0.06
N ALA B 315 -9.88 -6.16 -0.73
CA ALA B 315 -9.61 -7.59 -0.96
C ALA B 315 -9.14 -8.28 0.30
N TYR B 316 -8.28 -7.63 1.08
CA TYR B 316 -7.58 -8.35 2.15
C TYR B 316 -8.07 -8.09 3.57
N VAL B 317 -8.59 -6.91 3.86
CA VAL B 317 -9.11 -6.66 5.21
C VAL B 317 -10.11 -7.73 5.68
N PRO B 318 -11.01 -8.23 4.81
CA PRO B 318 -11.94 -9.27 5.29
C PRO B 318 -11.23 -10.50 5.91
N PHE B 319 -10.14 -10.94 5.32
CA PHE B 319 -9.40 -12.09 5.87
C PHE B 319 -8.74 -11.78 7.21
N CYS B 320 -8.24 -10.55 7.36
CA CYS B 320 -7.60 -10.12 8.62
C CYS B 320 -8.61 -9.97 9.75
N GLY B 321 -9.75 -9.35 9.46
CA GLY B 321 -10.82 -9.20 10.47
C GLY B 321 -11.36 -10.57 10.87
N LEU B 322 -11.52 -11.45 9.88
CA LEU B 322 -12.00 -12.78 10.15
C LEU B 322 -11.10 -13.53 11.14
N ALA B 323 -9.79 -13.42 10.95
CA ALA B 323 -8.81 -14.03 11.86
C ALA B 323 -8.95 -13.53 13.31
N VAL B 324 -9.16 -12.24 13.49
CA VAL B 324 -9.38 -11.67 14.81
C VAL B 324 -10.63 -12.24 15.46
N ILE B 325 -11.73 -12.29 14.70
CA ILE B 325 -12.99 -12.78 15.27
C ILE B 325 -12.96 -14.27 15.58
N GLU B 326 -12.33 -15.06 14.71
CA GLU B 326 -12.07 -16.47 15.00
C GLU B 326 -11.31 -16.62 16.32
N GLU B 327 -10.27 -15.82 16.51
CA GLU B 327 -9.47 -15.88 17.73
C GLU B 327 -10.27 -15.45 18.98
N LEU B 328 -11.06 -14.39 18.87
CA LEU B 328 -11.94 -13.98 19.99
C LEU B 328 -12.92 -15.07 20.37
N SER B 329 -13.58 -15.66 19.38
CA SER B 329 -14.66 -16.61 19.61
C SER B 329 -14.18 -18.05 19.86
N GLY B 330 -12.91 -18.36 19.51
CA GLY B 330 -12.41 -19.72 19.61
C GLY B 330 -12.99 -20.65 18.55
N VAL B 331 -13.53 -20.09 17.46
CA VAL B 331 -14.17 -20.86 16.40
C VAL B 331 -13.31 -20.68 15.17
N ARG B 332 -12.90 -21.77 14.55
CA ARG B 332 -12.08 -21.68 13.34
C ARG B 332 -12.96 -22.11 12.17
N SER B 333 -13.15 -21.19 11.22
CA SER B 333 -13.95 -21.48 10.03
C SER B 333 -13.12 -22.25 9.01
N ALA B 334 -13.75 -22.60 7.89
CA ALA B 334 -13.06 -23.24 6.76
C ALA B 334 -12.31 -22.27 5.87
N VAL B 335 -12.36 -20.97 6.17
CA VAL B 335 -11.75 -19.98 5.31
C VAL B 335 -10.23 -20.15 5.39
N ARG B 336 -9.60 -20.18 4.22
CA ARG B 336 -8.15 -20.22 4.08
C ARG B 336 -7.71 -18.92 3.38
N ASP B 337 -6.75 -18.24 3.98
CA ASP B 337 -6.28 -16.94 3.51
C ASP B 337 -5.46 -17.15 2.22
N PRO B 338 -5.95 -16.68 1.05
CA PRO B 338 -5.25 -16.92 -0.21
C PRO B 338 -3.93 -16.14 -0.42
N LEU B 339 -3.66 -15.12 0.41
CA LEU B 339 -2.41 -14.34 0.32
C LEU B 339 -1.35 -14.69 1.37
N ARG B 340 -1.70 -15.52 2.34
CA ARG B 340 -0.84 -15.83 3.49
C ARG B 340 0.57 -16.30 3.09
N ASP B 341 0.65 -17.32 2.24
CA ASP B 341 1.97 -17.86 1.87
C ASP B 341 2.80 -16.86 1.07
N PHE B 342 2.13 -16.11 0.22
CA PHE B 342 2.77 -15.11 -0.60
C PHE B 342 3.40 -13.98 0.27
N ILE B 343 2.63 -13.49 1.23
CA ILE B 343 3.10 -12.45 2.14
C ILE B 343 4.26 -12.97 3.00
N GLU B 344 4.23 -14.24 3.38
CA GLU B 344 5.35 -14.81 4.12
C GLU B 344 6.67 -14.67 3.37
N LEU B 345 6.63 -14.89 2.06
CA LEU B 345 7.85 -14.75 1.24
C LEU B 345 8.36 -13.33 1.10
N GLN B 346 7.50 -12.34 1.34
CA GLN B 346 7.86 -10.92 1.16
C GLN B 346 8.48 -10.28 2.40
N GLN B 347 8.54 -11.04 3.49
CA GLN B 347 8.92 -10.46 4.77
C GLN B 347 10.33 -9.88 4.77
N PRO B 348 10.61 -8.91 5.65
CA PRO B 348 11.98 -8.42 5.82
C PRO B 348 13.00 -9.56 5.94
N ASN B 349 14.18 -9.35 5.36
CA ASN B 349 15.27 -10.32 5.52
C ASN B 349 15.86 -10.30 6.92
N ALA B 350 16.76 -11.23 7.20
CA ALA B 350 17.29 -11.38 8.56
C ALA B 350 18.00 -10.12 9.04
N ALA B 351 18.76 -9.45 8.19
CA ALA B 351 19.48 -8.24 8.58
C ALA B 351 18.51 -7.13 9.01
N PHE B 352 17.46 -6.95 8.23
CA PHE B 352 16.44 -5.95 8.52
C PHE B 352 15.68 -6.32 9.80
N ARG B 353 15.30 -7.58 9.94
CA ARG B 353 14.63 -8.05 11.16
C ARG B 353 15.50 -7.78 12.39
N ASP B 354 16.80 -8.07 12.28
CA ASP B 354 17.72 -7.87 13.41
C ASP B 354 17.83 -6.38 13.77
N PHE B 355 17.87 -5.53 12.75
CA PHE B 355 17.94 -4.09 12.93
C PHE B 355 16.73 -3.58 13.71
N GLN B 356 15.53 -4.02 13.32
CA GLN B 356 14.30 -3.62 14.02
C GLN B 356 14.26 -4.21 15.42
N ARG B 357 14.69 -5.47 15.57
CA ARG B 357 14.68 -6.11 16.89
C ARG B 357 15.53 -5.32 17.86
N GLN B 358 16.72 -4.92 17.42
CA GLN B 358 17.63 -4.16 18.28
C GLN B 358 17.03 -2.83 18.70
N ARG B 359 16.34 -2.16 17.79
CA ARG B 359 15.65 -0.91 18.15
C ARG B 359 14.56 -1.13 19.18
N LEU B 360 13.86 -2.25 19.08
CA LEU B 360 12.79 -2.56 20.04
C LEU B 360 13.36 -2.92 21.42
N GLU B 361 14.49 -3.60 21.42
CA GLU B 361 15.21 -3.89 22.68
C GLU B 361 15.61 -2.59 23.35
N GLU B 362 16.18 -1.66 22.57
CA GLU B 362 16.56 -0.35 23.09
C GLU B 362 15.36 0.43 23.62
N LEU B 363 14.24 0.37 22.91
CA LEU B 363 13.05 1.10 23.30
C LEU B 363 12.48 0.52 24.59
N ALA B 364 12.43 -0.81 24.70
CA ALA B 364 11.99 -1.46 25.94
C ALA B 364 12.80 -1.01 27.15
N ALA B 365 14.13 -0.92 26.95
CA ALA B 365 15.02 -0.42 28.02
C ALA B 365 14.77 1.06 28.34
N GLN B 366 14.55 1.87 27.32
CA GLN B 366 14.19 3.28 27.48
C GLN B 366 12.88 3.48 28.25
N PHE B 367 11.89 2.62 27.98
CA PHE B 367 10.63 2.62 28.75
C PHE B 367 10.77 2.06 30.16
N GLY B 368 11.92 1.46 30.50
CA GLY B 368 12.10 0.85 31.80
C GLY B 368 11.27 -0.43 31.97
N LEU B 369 11.06 -1.14 30.86
CA LEU B 369 10.27 -2.37 30.91
C LEU B 369 11.11 -3.57 31.16
N CYS B 370 10.70 -4.33 32.17
CA CYS B 370 11.40 -5.54 32.55
C CYS B 370 10.86 -6.68 31.72
N PRO B 371 11.75 -7.46 31.09
CA PRO B 371 11.34 -8.68 30.38
C PRO B 371 10.84 -9.81 31.30
N ALA B 372 9.72 -9.60 31.97
CA ALA B 372 9.11 -10.69 32.73
C ALA B 372 8.29 -11.60 31.79
N GLN B 373 7.98 -12.80 32.26
CA GLN B 373 7.06 -13.74 31.57
C GLN B 373 5.63 -13.52 32.06
N PRO B 374 4.61 -13.85 31.24
CA PRO B 374 3.20 -13.91 31.67
C PRO B 374 2.88 -14.85 32.85
N LEU B 375 2.13 -14.34 33.83
CA LEU B 375 1.65 -15.16 34.93
C LEU B 375 0.25 -14.70 35.43
N GLN B 376 -0.31 -15.52 36.31
CA GLN B 376 -1.63 -15.33 36.97
C GLN B 376 -2.81 -15.85 36.15
ZN ZN C . 5.40 -3.60 -10.76
K K D . 12.50 -3.22 -11.16
K K E . 22.56 -8.72 -19.70
N 6DK F . -0.12 -11.72 -5.93
C1 6DK F . 4.05 -5.28 -12.46
O1 6DK F . 3.67 -4.14 -11.71
C2 6DK F . 3.25 -6.52 -12.02
O2 6DK F . 5.40 -5.25 -12.03
C3 6DK F . 3.29 -6.88 -10.55
C4 6DK F . 2.63 -8.26 -10.36
C5 6DK F . 2.33 -8.56 -8.89
C6 6DK F . 1.54 -9.88 -8.78
C7 6DK F . 1.34 -10.27 -7.30
C8 6DK F . 0.30 -11.38 -7.17
C9 6DK F . -0.98 -12.78 -5.64
C10 6DK F . -0.69 -13.53 -4.50
C11 6DK F . -1.39 -14.70 -4.16
C12 6DK F . -2.41 -15.16 -5.00
C13 6DK F . -2.71 -14.43 -6.17
C14 6DK F . -1.99 -13.27 -6.48
F2 6DK F . 4.31 -6.07 -14.66
C 6DK F . 3.89 -5.04 -13.97
F 6DK F . 2.62 -4.87 -14.26
F1 6DK F . 4.56 -3.97 -14.34
O 6DK F . -0.09 -11.90 -8.21
ZN ZN G . -5.28 3.69 10.26
K K H . -2.57 7.63 29.72
K K I . -1.71 2.60 16.33
N 6DK J . -3.81 12.06 3.40
C1 6DK J . -7.25 5.59 10.17
O1 6DK J . -6.99 4.44 9.39
C2 6DK J . -7.16 6.88 9.31
O2 6DK J . -6.16 5.40 11.05
C3 6DK J . -5.81 7.23 8.66
C4 6DK J . -5.89 8.64 8.08
C5 6DK J . -4.95 8.85 6.90
C6 6DK J . -5.17 10.26 6.31
C7 6DK J . -4.14 10.49 5.21
C8 6DK J . -4.03 11.95 4.74
C9 6DK J . -3.68 13.27 2.77
C10 6DK J . -2.92 14.32 3.29
C11 6DK J . -2.94 15.60 2.73
C12 6DK J . -3.75 15.84 1.63
C13 6DK J . -4.53 14.81 1.13
C14 6DK J . -4.51 13.53 1.69
F2 6DK J . -8.86 6.53 11.67
C 6DK J . -8.62 5.50 10.89
F 6DK J . -9.55 5.47 9.98
F1 6DK J . -8.73 4.42 11.62
O 6DK J . -4.07 12.86 5.55
#